data_3G2E
#
_entry.id   3G2E
#
_cell.length_a   60.933
_cell.length_b   70.170
_cell.length_c   97.051
_cell.angle_alpha   90.000
_cell.angle_beta   92.420
_cell.angle_gamma   90.000
#
_symmetry.space_group_name_H-M   'P 1 21 1'
#
loop_
_entity.id
_entity.type
_entity.pdbx_description
1 polymer 'OORC subunit of 2-oxoglutarate:acceptor oxidoreductase'
2 non-polymer GLYCEROL
3 water water
#
_entity_poly.entity_id   1
_entity_poly.type   'polypeptide(L)'
_entity_poly.pdbx_seq_one_letter_code
;MSLKYQLRFGGEGGQGVITAGEILAEAAIKEGRQAFKASTYTSQVRGGPTKVDIIIDDKEILFPYAVEGEVDFMLSTADK
GYKGFRGGVKEGGIIVVEPNLVHPESEDYKKWQIFEIPIITIAKDEVGNVATQSVVALAIAAYMSKCIDLDVLKETMLHM
VPAKTRDANAKAFDLGVKYATQAKPHEGHHHHHH
;
_entity_poly.pdbx_strand_id   A,B,C,D
#
# COMPACT_ATOMS: atom_id res chain seq x y z
N SER A 2 -0.39 -25.05 -21.15
CA SER A 2 -0.96 -23.96 -20.32
C SER A 2 -0.35 -22.61 -20.68
N LEU A 3 -1.03 -21.53 -20.31
CA LEU A 3 -0.57 -20.20 -20.60
C LEU A 3 -0.49 -19.44 -19.29
N LYS A 4 0.41 -18.46 -19.25
CA LYS A 4 0.36 -17.38 -18.26
C LYS A 4 -0.58 -16.26 -18.70
N TYR A 5 -1.53 -15.90 -17.84
CA TYR A 5 -2.49 -14.84 -18.15
C TYR A 5 -2.18 -13.62 -17.28
N GLN A 6 -2.29 -12.43 -17.85
CA GLN A 6 -2.01 -11.19 -17.12
C GLN A 6 -3.12 -10.23 -17.40
N LEU A 7 -3.85 -9.88 -16.34
CA LEU A 7 -5.03 -9.06 -16.47
C LEU A 7 -4.97 -7.82 -15.58
N ARG A 8 -5.41 -6.69 -16.11
CA ARG A 8 -5.37 -5.40 -15.43
C ARG A 8 -6.78 -4.86 -15.28
N PHE A 9 -7.14 -4.49 -14.04
CA PHE A 9 -8.43 -3.90 -13.71
C PHE A 9 -8.18 -2.50 -13.16
N GLY A 10 -8.89 -1.51 -13.71
CA GLY A 10 -8.70 -0.12 -13.29
C GLY A 10 -10.04 0.55 -13.03
N GLY A 11 -10.17 1.18 -11.87
CA GLY A 11 -11.43 1.84 -11.49
C GLY A 11 -11.25 2.96 -10.47
N GLU A 12 -12.30 3.22 -9.69
CA GLU A 12 -12.38 4.18 -8.55
C GLU A 12 -11.55 5.45 -8.66
N GLN A 15 -15.31 4.96 -2.96
CA GLN A 15 -14.83 4.09 -1.87
C GLN A 15 -15.52 4.37 -0.52
N GLY A 16 -16.79 4.77 -0.59
CA GLY A 16 -17.61 5.08 0.58
C GLY A 16 -16.97 5.88 1.70
N VAL A 17 -16.97 5.25 2.86
CA VAL A 17 -16.56 5.83 4.13
C VAL A 17 -15.09 6.29 4.12
N ILE A 18 -14.24 5.53 3.46
CA ILE A 18 -12.84 5.93 3.29
C ILE A 18 -12.74 7.34 2.72
N THR A 19 -13.59 7.61 1.74
CA THR A 19 -13.56 8.86 0.98
C THR A 19 -13.83 10.05 1.90
N ALA A 20 -14.61 9.84 2.96
CA ALA A 20 -14.85 10.88 3.97
C ALA A 20 -13.52 11.38 4.56
N GLY A 21 -12.62 10.45 4.88
CA GLY A 21 -11.32 10.76 5.47
C GLY A 21 -10.48 11.63 4.53
N GLU A 22 -10.43 11.23 3.26
CA GLU A 22 -9.69 12.00 2.26
C GLU A 22 -10.19 13.42 2.09
N ILE A 23 -11.51 13.57 2.02
CA ILE A 23 -12.13 14.90 1.90
C ILE A 23 -11.75 15.77 3.10
N LEU A 24 -11.83 15.19 4.30
CA LEU A 24 -11.55 15.91 5.53
C LEU A 24 -10.09 16.41 5.56
N ALA A 25 -9.15 15.54 5.14
CA ALA A 25 -7.72 15.86 5.17
C ALA A 25 -7.43 16.99 4.15
N GLU A 26 -8.01 16.89 2.96
CA GLU A 26 -7.78 17.91 1.94
C GLU A 26 -8.38 19.24 2.41
N ALA A 27 -9.58 19.19 3.01
CA ALA A 27 -10.19 20.42 3.51
C ALA A 27 -9.36 21.12 4.58
N ALA A 28 -8.80 20.35 5.50
CA ALA A 28 -7.93 20.94 6.52
C ALA A 28 -6.65 21.56 5.93
N ILE A 29 -6.06 20.88 4.96
CA ILE A 29 -4.87 21.40 4.27
C ILE A 29 -5.25 22.70 3.55
N LYS A 30 -6.43 22.75 2.94
CA LYS A 30 -6.88 23.98 2.31
C LYS A 30 -7.11 25.18 3.27
N GLU A 31 -7.35 24.89 4.55
CA GLU A 31 -7.44 25.93 5.60
C GLU A 31 -6.07 26.45 5.99
N GLY A 32 -5.01 25.75 5.62
CA GLY A 32 -3.67 26.11 6.04
C GLY A 32 -3.18 25.28 7.21
N ARG A 33 -3.88 24.21 7.56
CA ARG A 33 -3.45 23.32 8.66
C ARG A 33 -2.64 22.16 8.10
N GLN A 34 -2.02 21.38 9.00
CA GLN A 34 -1.31 20.17 8.59
C GLN A 34 -2.24 18.96 8.68
N ALA A 35 -2.06 18.00 7.76
CA ALA A 35 -2.86 16.78 7.77
C ALA A 35 -2.15 15.65 7.04
N PHE A 36 -2.27 14.44 7.58
CA PHE A 36 -1.80 13.25 6.87
C PHE A 36 -2.96 12.26 6.74
N LYS A 37 -2.95 11.48 5.66
CA LYS A 37 -3.82 10.30 5.54
C LYS A 37 -2.92 9.06 5.63
N ALA A 38 -3.15 8.21 6.64
CA ALA A 38 -2.37 7.00 6.80
C ALA A 38 -3.23 5.82 6.38
N SER A 39 -2.66 4.92 5.59
CA SER A 39 -3.45 3.85 5.01
C SER A 39 -2.80 2.52 5.35
N THR A 40 -3.42 1.43 4.97
CA THR A 40 -2.94 0.14 5.41
C THR A 40 -3.26 -0.84 4.29
N TYR A 41 -2.49 -1.92 4.20
CA TYR A 41 -2.78 -2.95 3.21
C TYR A 41 -2.23 -4.27 3.71
N THR A 42 -2.52 -5.33 2.96
CA THR A 42 -2.22 -6.68 3.41
C THR A 42 -1.68 -7.51 2.27
N SER A 43 -1.00 -8.63 2.59
CA SER A 43 -0.50 -9.60 1.61
C SER A 43 -1.58 -10.59 1.18
N GLN A 44 -2.76 -10.52 1.79
CA GLN A 44 -3.86 -11.41 1.48
C GLN A 44 -4.35 -11.07 0.07
N VAL A 45 -4.75 -12.10 -0.68
CA VAL A 45 -5.35 -11.89 -2.01
C VAL A 45 -6.66 -11.09 -1.96
N ARG A 46 -7.59 -11.49 -1.07
CA ARG A 46 -8.76 -10.63 -0.79
C ARG A 46 -8.40 -9.49 0.14
N GLY A 47 -8.82 -8.28 -0.18
CA GLY A 47 -8.39 -7.08 0.56
C GLY A 47 -9.00 -6.93 1.96
N GLY A 48 -10.24 -7.39 2.13
CA GLY A 48 -10.91 -7.32 3.43
C GLY A 48 -11.37 -5.90 3.78
N PRO A 49 -11.70 -5.67 5.05
CA PRO A 49 -12.26 -4.36 5.44
C PRO A 49 -11.24 -3.25 5.22
N THR A 50 -11.69 -2.01 5.06
CA THR A 50 -10.75 -0.90 4.79
C THR A 50 -10.55 -0.01 6.02
N LYS A 51 -9.44 0.73 6.08
CA LYS A 51 -9.24 1.74 7.16
C LYS A 51 -8.31 2.86 6.68
N VAL A 52 -8.70 4.11 6.94
CA VAL A 52 -7.78 5.24 6.83
C VAL A 52 -7.86 6.06 8.10
N ASP A 53 -6.69 6.54 8.52
CA ASP A 53 -6.56 7.44 9.67
C ASP A 53 -6.21 8.82 9.16
N ILE A 54 -6.84 9.83 9.74
CA ILE A 54 -6.60 11.20 9.35
C ILE A 54 -6.06 11.94 10.58
N ILE A 55 -4.91 12.57 10.42
CA ILE A 55 -4.28 13.26 11.53
C ILE A 55 -4.27 14.72 11.15
N ILE A 56 -4.75 15.59 12.04
CA ILE A 56 -4.88 17.02 11.71
C ILE A 56 -4.29 17.86 12.86
N ASP A 57 -3.53 18.89 12.53
CA ASP A 57 -2.92 19.76 13.55
C ASP A 57 -2.63 21.12 12.94
N ASP A 58 -2.53 22.16 13.79
CA ASP A 58 -2.17 23.49 13.32
C ASP A 58 -0.67 23.58 13.13
N LYS A 59 0.05 22.95 14.05
CA LYS A 59 1.50 22.85 13.99
C LYS A 59 1.95 21.64 13.17
N GLU A 60 3.25 21.53 12.99
CA GLU A 60 3.87 20.40 12.31
C GLU A 60 3.47 19.07 12.96
N ILE A 61 3.25 18.05 12.13
CA ILE A 61 2.93 16.70 12.65
C ILE A 61 4.16 15.87 12.48
N LEU A 62 4.73 15.43 13.60
CA LEU A 62 6.03 14.76 13.57
C LEU A 62 5.94 13.27 13.28
N PHE A 63 4.80 12.68 13.60
CA PHE A 63 4.54 11.27 13.36
C PHE A 63 3.29 11.16 12.45
N PRO A 64 3.48 10.77 11.17
CA PRO A 64 2.41 10.83 10.19
C PRO A 64 1.46 9.61 10.20
N TYR A 65 1.28 9.04 11.39
CA TYR A 65 0.30 7.96 11.59
C TYR A 65 -0.52 8.26 12.84
N ALA A 66 -1.69 7.60 12.97
CA ALA A 66 -2.41 7.69 14.25
C ALA A 66 -1.57 7.01 15.33
N VAL A 67 -1.63 7.56 16.55
CA VAL A 67 -1.05 6.98 17.76
C VAL A 67 -2.12 6.05 18.33
N GLU A 68 -1.84 4.76 18.28
CA GLU A 68 -2.74 3.74 18.85
C GLU A 68 -2.92 3.99 20.35
N GLY A 69 -4.19 4.07 20.78
CA GLY A 69 -4.56 4.54 22.12
C GLY A 69 -4.95 6.01 22.19
N GLU A 70 -4.70 6.76 21.12
CA GLU A 70 -5.02 8.21 21.10
C GLU A 70 -6.06 8.62 20.07
N VAL A 71 -6.62 7.69 19.31
CA VAL A 71 -7.61 8.07 18.30
C VAL A 71 -8.84 8.69 19.00
N ASP A 72 -9.29 9.86 18.52
CA ASP A 72 -10.38 10.62 19.16
C ASP A 72 -11.74 10.12 18.75
N PHE A 73 -11.82 9.68 17.50
CA PHE A 73 -13.08 9.41 16.84
C PHE A 73 -12.87 8.31 15.83
N MET A 74 -13.81 7.37 15.75
CA MET A 74 -13.85 6.38 14.67
C MET A 74 -15.27 6.27 14.11
N LEU A 75 -15.37 6.10 12.78
CA LEU A 75 -16.64 5.79 12.16
C LEU A 75 -16.47 4.47 11.43
N SER A 76 -17.40 3.55 11.60
CA SER A 76 -17.24 2.20 11.10
C SER A 76 -18.50 1.63 10.46
N THR A 77 -18.38 1.03 9.27
CA THR A 77 -19.55 0.42 8.62
C THR A 77 -19.37 -1.07 8.36
N ALA A 78 -18.30 -1.63 8.88
CA ALA A 78 -17.98 -3.04 8.65
C ALA A 78 -17.64 -3.65 10.00
N ASP A 79 -18.34 -4.73 10.33
CA ASP A 79 -18.18 -5.35 11.63
C ASP A 79 -16.72 -5.78 11.94
N LYS A 80 -16.07 -6.39 10.96
CA LYS A 80 -14.71 -6.91 11.16
C LYS A 80 -13.70 -5.79 11.35
N GLY A 81 -13.93 -4.70 10.63
CA GLY A 81 -13.08 -3.52 10.69
C GLY A 81 -13.27 -2.82 12.01
N TYR A 82 -14.52 -2.74 12.44
CA TYR A 82 -14.82 -2.25 13.77
C TYR A 82 -14.06 -3.06 14.83
N LYS A 83 -14.27 -4.38 14.82
CA LYS A 83 -13.66 -5.24 15.83
C LYS A 83 -12.11 -5.24 15.79
N GLY A 84 -11.55 -5.21 14.59
CA GLY A 84 -10.09 -5.21 14.41
C GLY A 84 -9.39 -3.92 14.80
N PHE A 85 -10.06 -2.77 14.56
CA PHE A 85 -9.43 -1.45 14.69
C PHE A 85 -9.86 -0.58 15.88
N ARG A 86 -11.03 -0.83 16.47
CA ARG A 86 -11.52 0.10 17.52
C ARG A 86 -10.62 0.14 18.74
N GLY A 87 -9.82 -0.90 18.94
CA GLY A 87 -8.91 -0.98 20.06
C GLY A 87 -7.91 0.16 20.14
N GLY A 88 -7.67 0.86 19.04
CA GLY A 88 -6.79 2.04 19.09
C GLY A 88 -7.48 3.36 19.48
N VAL A 89 -8.81 3.33 19.64
CA VAL A 89 -9.56 4.55 20.00
C VAL A 89 -9.34 4.80 21.52
N LYS A 90 -9.06 6.05 21.90
CA LYS A 90 -8.82 6.38 23.30
C LYS A 90 -10.02 5.98 24.13
N GLU A 91 -9.78 5.63 25.39
CA GLU A 91 -10.91 5.36 26.28
C GLU A 91 -11.82 6.58 26.37
N GLY A 92 -13.13 6.37 26.28
CA GLY A 92 -14.08 7.47 26.27
C GLY A 92 -14.15 8.22 24.94
N GLY A 93 -13.42 7.73 23.92
CA GLY A 93 -13.51 8.34 22.58
C GLY A 93 -14.86 8.02 21.96
N ILE A 94 -15.16 8.67 20.84
CA ILE A 94 -16.46 8.57 20.17
C ILE A 94 -16.37 7.58 19.02
N ILE A 95 -17.25 6.58 19.01
CA ILE A 95 -17.32 5.69 17.87
C ILE A 95 -18.72 5.69 17.27
N VAL A 96 -18.80 6.02 15.97
CA VAL A 96 -20.06 5.90 15.24
C VAL A 96 -20.06 4.62 14.41
N VAL A 97 -21.09 3.78 14.59
CA VAL A 97 -21.22 2.50 13.91
C VAL A 97 -22.55 2.45 13.15
N GLU A 98 -22.54 1.68 12.06
CA GLU A 98 -23.75 1.45 11.25
C GLU A 98 -24.42 0.23 11.89
N PRO A 99 -25.56 0.45 12.58
CA PRO A 99 -26.16 -0.61 13.42
C PRO A 99 -26.70 -1.79 12.61
N ASN A 100 -26.92 -1.61 11.31
CA ASN A 100 -27.34 -2.71 10.45
C ASN A 100 -26.19 -3.65 10.09
N LEU A 101 -24.94 -3.24 10.37
CA LEU A 101 -23.76 -3.97 9.89
C LEU A 101 -22.73 -4.24 10.98
N VAL A 102 -22.69 -3.41 12.01
CA VAL A 102 -21.67 -3.50 13.04
C VAL A 102 -22.34 -3.86 14.36
N HIS A 103 -21.83 -4.88 15.04
CA HIS A 103 -22.43 -5.31 16.31
C HIS A 103 -21.40 -5.46 17.42
N PRO A 104 -21.15 -4.38 18.17
CA PRO A 104 -20.08 -4.48 19.18
C PRO A 104 -20.43 -5.41 20.32
N GLU A 105 -19.40 -6.05 20.89
CA GLU A 105 -19.53 -6.79 22.14
C GLU A 105 -19.99 -5.84 23.23
N SER A 106 -20.85 -6.32 24.15
CA SER A 106 -21.45 -5.41 25.15
C SER A 106 -20.44 -4.63 26.00
N GLU A 107 -19.33 -5.25 26.35
CA GLU A 107 -18.28 -4.57 27.11
C GLU A 107 -17.79 -3.27 26.44
N ASP A 108 -17.87 -3.20 25.09
CA ASP A 108 -17.36 -2.02 24.36
C ASP A 108 -18.12 -0.78 24.78
N TYR A 109 -19.41 -0.93 25.07
CA TYR A 109 -20.20 0.23 25.46
C TYR A 109 -19.73 0.85 26.78
N LYS A 110 -18.98 0.11 27.59
CA LYS A 110 -18.45 0.71 28.83
C LYS A 110 -17.12 1.45 28.60
N LYS A 111 -16.38 1.11 27.53
CA LYS A 111 -15.05 1.70 27.29
C LYS A 111 -15.10 2.93 26.36
N TRP A 112 -16.05 2.92 25.43
CA TRP A 112 -16.21 4.00 24.47
C TRP A 112 -17.65 4.52 24.44
N GLN A 113 -17.82 5.72 23.90
CA GLN A 113 -19.14 6.27 23.63
C GLN A 113 -19.57 5.92 22.22
N ILE A 114 -20.51 5.00 22.10
CA ILE A 114 -20.86 4.41 20.82
C ILE A 114 -22.25 4.89 20.40
N PHE A 115 -22.31 5.41 19.17
CA PHE A 115 -23.51 6.01 18.60
C PHE A 115 -23.89 5.21 17.36
N GLU A 116 -25.18 4.96 17.19
CA GLU A 116 -25.66 4.16 16.06
C GLU A 116 -26.33 5.07 15.05
N ILE A 117 -25.75 5.14 13.84
CA ILE A 117 -26.33 5.97 12.79
C ILE A 117 -26.34 5.15 11.50
N PRO A 118 -27.52 4.97 10.90
CA PRO A 118 -27.64 4.09 9.74
C PRO A 118 -27.23 4.81 8.43
N ILE A 119 -25.94 5.06 8.30
CA ILE A 119 -25.38 5.92 7.23
C ILE A 119 -25.69 5.39 5.81
N ILE A 120 -25.62 4.09 5.61
CA ILE A 120 -25.92 3.48 4.30
C ILE A 120 -27.38 3.75 3.89
N THR A 121 -28.30 3.53 4.82
CA THR A 121 -29.72 3.80 4.61
C THR A 121 -30.05 5.26 4.36
N ILE A 122 -29.43 6.15 5.14
CA ILE A 122 -29.61 7.57 4.94
C ILE A 122 -29.18 7.96 3.51
N ALA A 123 -28.01 7.48 3.09
CA ALA A 123 -27.51 7.81 1.74
C ALA A 123 -28.36 7.16 0.64
N LYS A 124 -28.74 5.90 0.83
CA LYS A 124 -29.44 5.15 -0.22
C LYS A 124 -30.88 5.62 -0.32
N ASP A 125 -31.55 5.80 0.82
CA ASP A 125 -32.99 6.10 0.87
C ASP A 125 -33.32 7.58 0.94
N GLU A 126 -32.74 8.32 1.88
CA GLU A 126 -33.09 9.73 2.01
C GLU A 126 -32.45 10.59 0.93
N VAL A 127 -31.18 10.33 0.63
CA VAL A 127 -30.48 11.07 -0.43
C VAL A 127 -30.80 10.47 -1.81
N GLY A 128 -31.01 9.16 -1.89
CA GLY A 128 -31.31 8.51 -3.18
C GLY A 128 -30.06 8.13 -3.94
N ASN A 129 -28.93 8.07 -3.23
CA ASN A 129 -27.66 7.70 -3.86
C ASN A 129 -26.66 7.22 -2.83
N VAL A 130 -26.45 5.91 -2.86
CA VAL A 130 -25.65 5.21 -1.86
C VAL A 130 -24.20 5.70 -1.82
N ALA A 131 -23.69 6.21 -2.95
CA ALA A 131 -22.34 6.80 -3.01
C ALA A 131 -22.20 8.01 -2.07
N THR A 132 -23.28 8.74 -1.82
CA THR A 132 -23.22 9.90 -0.91
C THR A 132 -22.95 9.55 0.58
N GLN A 133 -22.80 8.26 0.88
CA GLN A 133 -22.47 7.86 2.24
C GLN A 133 -21.14 8.48 2.70
N SER A 134 -20.21 8.69 1.75
CA SER A 134 -18.96 9.44 1.99
C SER A 134 -19.21 10.76 2.69
N VAL A 135 -20.15 11.52 2.17
CA VAL A 135 -20.38 12.86 2.67
C VAL A 135 -21.25 12.85 3.93
N VAL A 136 -22.14 11.87 4.07
CA VAL A 136 -22.89 11.70 5.32
C VAL A 136 -21.87 11.48 6.46
N ALA A 137 -20.98 10.53 6.22
CA ALA A 137 -19.95 10.12 7.19
C ALA A 137 -19.01 11.27 7.52
N LEU A 138 -18.66 12.05 6.49
CA LEU A 138 -17.81 13.23 6.65
C LEU A 138 -18.43 14.24 7.62
N ALA A 139 -19.70 14.54 7.39
CA ALA A 139 -20.41 15.52 8.23
C ALA A 139 -20.50 15.02 9.68
N ILE A 140 -20.84 13.75 9.83
CA ILE A 140 -20.92 13.10 11.16
C ILE A 140 -19.55 13.21 11.86
N ALA A 141 -18.48 12.86 11.15
CA ALA A 141 -17.12 12.87 11.72
C ALA A 141 -16.76 14.26 12.22
N ALA A 142 -17.06 15.28 11.41
CA ALA A 142 -16.70 16.66 11.72
C ALA A 142 -17.50 17.18 12.90
N TYR A 143 -18.80 16.90 12.90
CA TYR A 143 -19.67 17.28 13.99
C TYR A 143 -19.24 16.65 15.32
N MET A 144 -19.04 15.34 15.30
CA MET A 144 -18.71 14.63 16.55
C MET A 144 -17.33 15.03 17.07
N SER A 145 -16.35 15.13 16.17
CA SER A 145 -14.96 15.35 16.59
C SER A 145 -14.60 16.83 16.85
N LYS A 146 -15.41 17.75 16.34
CA LYS A 146 -15.11 19.21 16.36
C LYS A 146 -13.77 19.56 15.72
N CYS A 147 -13.34 18.76 14.75
CA CYS A 147 -11.97 18.92 14.21
C CYS A 147 -11.86 20.06 13.21
N ILE A 148 -13.00 20.56 12.74
CA ILE A 148 -13.08 21.60 11.72
C ILE A 148 -14.46 22.28 11.77
N ASP A 149 -14.49 23.56 11.42
CA ASP A 149 -15.74 24.33 11.27
C ASP A 149 -16.66 23.68 10.21
N LEU A 150 -17.91 23.40 10.58
CA LEU A 150 -18.87 22.74 9.66
C LEU A 150 -19.15 23.53 8.38
N ASP A 151 -19.29 24.85 8.51
CA ASP A 151 -19.50 25.74 7.35
C ASP A 151 -18.29 25.74 6.42
N VAL A 152 -17.10 25.93 6.98
CA VAL A 152 -15.85 25.82 6.23
C VAL A 152 -15.74 24.46 5.48
N LEU A 153 -16.02 23.37 6.17
CA LEU A 153 -15.94 22.05 5.54
C LEU A 153 -16.98 21.84 4.43
N LYS A 154 -18.22 22.26 4.68
CA LYS A 154 -19.27 22.10 3.69
C LYS A 154 -18.94 22.87 2.41
N GLU A 155 -18.45 24.10 2.55
CA GLU A 155 -18.09 24.94 1.40
C GLU A 155 -16.94 24.33 0.63
N THR A 156 -15.92 23.85 1.36
CA THR A 156 -14.78 23.20 0.73
C THR A 156 -15.23 21.94 -0.02
N MET A 157 -16.04 21.10 0.62
CA MET A 157 -16.57 19.90 -0.05
C MET A 157 -17.31 20.25 -1.35
N LEU A 158 -18.09 21.32 -1.33
CA LEU A 158 -18.88 21.73 -2.48
C LEU A 158 -18.00 22.11 -3.66
N HIS A 159 -16.86 22.73 -3.40
CA HIS A 159 -15.88 23.03 -4.46
C HIS A 159 -15.22 21.79 -5.00
N MET A 160 -15.17 20.74 -4.20
CA MET A 160 -14.47 19.53 -4.59
C MET A 160 -15.28 18.61 -5.48
N VAL A 161 -16.60 18.61 -5.34
CA VAL A 161 -17.46 17.65 -6.05
C VAL A 161 -17.98 18.24 -7.38
N PRO A 162 -18.27 17.37 -8.39
CA PRO A 162 -18.82 17.86 -9.66
C PRO A 162 -20.19 18.51 -9.51
N ALA A 163 -20.45 19.57 -10.31
CA ALA A 163 -21.72 20.32 -10.26
C ALA A 163 -22.97 19.42 -10.23
N LYS A 164 -22.96 18.37 -11.05
CA LYS A 164 -24.06 17.40 -11.15
C LYS A 164 -24.43 16.78 -9.80
N THR A 165 -23.43 16.54 -8.94
CA THR A 165 -23.63 15.85 -7.64
C THR A 165 -23.79 16.79 -6.45
N ARG A 166 -23.67 18.11 -6.69
CA ARG A 166 -23.67 19.14 -5.64
C ARG A 166 -24.94 19.19 -4.78
N ASP A 167 -26.13 19.07 -5.40
CA ASP A 167 -27.38 19.09 -4.63
C ASP A 167 -27.46 17.90 -3.68
N ALA A 168 -27.22 16.71 -4.22
CA ALA A 168 -27.29 15.47 -3.44
C ALA A 168 -26.22 15.45 -2.32
N ASN A 169 -25.05 16.02 -2.59
CA ASN A 169 -23.97 16.05 -1.62
C ASN A 169 -24.25 17.03 -0.50
N ALA A 170 -24.80 18.19 -0.86
CA ALA A 170 -25.22 19.15 0.15
C ALA A 170 -26.33 18.55 1.03
N LYS A 171 -27.26 17.81 0.44
CA LYS A 171 -28.33 17.19 1.21
C LYS A 171 -27.72 16.12 2.15
N ALA A 172 -26.83 15.30 1.59
CA ALA A 172 -26.09 14.31 2.38
C ALA A 172 -25.38 14.92 3.56
N PHE A 173 -24.65 16.01 3.33
CA PHE A 173 -23.92 16.68 4.41
C PHE A 173 -24.86 17.16 5.52
N ASP A 174 -25.93 17.86 5.14
CA ASP A 174 -26.94 18.32 6.09
C ASP A 174 -27.56 17.18 6.89
N LEU A 175 -27.89 16.08 6.24
CA LEU A 175 -28.44 14.92 6.99
C LEU A 175 -27.43 14.31 7.98
N GLY A 176 -26.17 14.21 7.57
CA GLY A 176 -25.12 13.77 8.49
C GLY A 176 -25.10 14.64 9.74
N VAL A 177 -25.13 15.96 9.57
CA VAL A 177 -25.12 16.89 10.74
C VAL A 177 -26.38 16.68 11.62
N LYS A 178 -27.55 16.61 10.98
CA LYS A 178 -28.79 16.40 11.71
C LYS A 178 -28.71 15.12 12.54
N TYR A 179 -28.33 14.01 11.92
CA TYR A 179 -28.29 12.74 12.63
C TYR A 179 -27.24 12.71 13.76
N ALA A 180 -26.07 13.32 13.52
CA ALA A 180 -25.03 13.42 14.52
C ALA A 180 -25.48 14.30 15.69
N THR A 181 -26.24 15.35 15.38
CA THR A 181 -26.74 16.26 16.39
C THR A 181 -27.75 15.52 17.30
N GLN A 182 -28.63 14.74 16.69
CA GLN A 182 -29.69 14.02 17.43
CA GLN A 182 -29.68 14.05 17.45
C GLN A 182 -29.20 12.74 18.11
N ALA A 183 -28.03 12.24 17.73
CA ALA A 183 -27.58 10.92 18.23
C ALA A 183 -27.22 10.89 19.71
N LYS A 184 -27.62 9.82 20.40
CA LYS A 184 -27.28 9.60 21.82
C LYS A 184 -26.43 8.35 22.02
N PRO A 185 -25.51 8.39 22.99
CA PRO A 185 -24.65 7.19 23.14
C PRO A 185 -25.44 6.00 23.66
N HIS A 186 -25.04 4.79 23.27
CA HIS A 186 -25.62 3.56 23.78
C HIS A 186 -25.12 3.37 25.23
N GLU A 187 -26.01 2.99 26.14
CA GLU A 187 -25.65 2.95 27.58
C GLU A 187 -24.65 1.84 27.96
N SER B 2 -4.08 25.06 20.04
CA SER B 2 -4.68 24.13 19.02
C SER B 2 -4.56 22.67 19.45
N LEU B 3 -5.42 21.82 18.89
CA LEU B 3 -5.40 20.40 19.21
C LEU B 3 -4.92 19.60 18.01
N LYS B 4 -4.32 18.45 18.29
CA LYS B 4 -4.12 17.45 17.26
C LYS B 4 -5.35 16.55 17.25
N TYR B 5 -5.93 16.35 16.07
CA TYR B 5 -7.11 15.49 15.93
C TYR B 5 -6.69 14.23 15.25
N GLN B 6 -7.18 13.10 15.74
CA GLN B 6 -6.87 11.82 15.11
C GLN B 6 -8.19 11.10 14.89
N LEU B 7 -8.52 10.82 13.62
CA LEU B 7 -9.81 10.22 13.27
C LEU B 7 -9.62 8.98 12.41
N ARG B 8 -10.41 7.95 12.67
CA ARG B 8 -10.30 6.66 11.98
C ARG B 8 -11.60 6.32 11.23
N PHE B 9 -11.47 5.97 9.97
CA PHE B 9 -12.61 5.64 9.14
C PHE B 9 -12.41 4.22 8.62
N GLY B 10 -13.38 3.34 8.87
CA GLY B 10 -13.31 1.97 8.38
C GLY B 10 -14.55 1.58 7.59
N GLY B 11 -14.35 0.94 6.44
CA GLY B 11 -15.44 0.49 5.59
C GLY B 11 -15.34 -0.99 5.20
N GLU B 12 -16.26 -1.43 4.37
CA GLU B 12 -16.30 -2.85 4.00
C GLU B 12 -15.45 -3.04 2.76
N GLY B 13 -14.88 -4.23 2.62
CA GLY B 13 -14.08 -4.54 1.45
C GLY B 13 -14.90 -4.75 0.18
N GLY B 14 -14.20 -5.09 -0.90
CA GLY B 14 -14.81 -5.66 -2.11
C GLY B 14 -15.93 -4.91 -2.81
N GLN B 15 -15.87 -3.59 -2.85
CA GLN B 15 -16.95 -2.78 -3.46
C GLN B 15 -16.68 -2.20 -4.86
N GLY B 16 -15.42 -1.86 -5.16
CA GLY B 16 -15.10 -1.30 -6.47
C GLY B 16 -14.99 -2.35 -7.57
N VAL B 17 -14.98 -1.89 -8.81
CA VAL B 17 -14.71 -2.75 -9.97
C VAL B 17 -13.42 -3.56 -9.84
N ILE B 18 -12.41 -3.01 -9.16
CA ILE B 18 -11.15 -3.73 -9.04
C ILE B 18 -11.24 -5.00 -8.17
N THR B 19 -12.32 -5.10 -7.40
CA THR B 19 -12.69 -6.34 -6.69
C THR B 19 -12.75 -7.58 -7.63
N ALA B 20 -13.06 -7.34 -8.91
CA ALA B 20 -13.06 -8.44 -9.90
C ALA B 20 -11.76 -9.23 -9.85
N GLY B 21 -10.63 -8.52 -9.76
CA GLY B 21 -9.32 -9.14 -9.73
C GLY B 21 -9.10 -10.14 -8.62
N GLU B 22 -9.40 -9.75 -7.39
CA GLU B 22 -9.17 -10.64 -6.25
C GLU B 22 -10.04 -11.91 -6.30
N ILE B 23 -11.27 -11.76 -6.79
CA ILE B 23 -12.15 -12.93 -6.97
C ILE B 23 -11.51 -13.86 -8.01
N LEU B 24 -11.11 -13.29 -9.14
CA LEU B 24 -10.45 -14.06 -10.21
C LEU B 24 -9.21 -14.81 -9.70
N ALA B 25 -8.33 -14.11 -8.98
CA ALA B 25 -7.11 -14.74 -8.43
C ALA B 25 -7.43 -15.89 -7.45
N GLU B 26 -8.36 -15.64 -6.54
CA GLU B 26 -8.78 -16.66 -5.58
C GLU B 26 -9.36 -17.88 -6.33
N ALA B 27 -10.18 -17.60 -7.34
CA ALA B 27 -10.72 -18.66 -8.21
C ALA B 27 -9.64 -19.52 -8.84
N ALA B 28 -8.56 -18.88 -9.35
CA ALA B 28 -7.49 -19.63 -9.99
C ALA B 28 -6.76 -20.50 -8.96
N ILE B 29 -6.51 -19.94 -7.78
CA ILE B 29 -5.82 -20.66 -6.71
C ILE B 29 -6.68 -21.84 -6.22
N LYS B 30 -7.99 -21.66 -6.06
CA LYS B 30 -8.88 -22.79 -5.67
C LYS B 30 -8.85 -23.95 -6.69
N GLU B 31 -8.68 -23.62 -7.99
CA GLU B 31 -8.45 -24.64 -9.03
C GLU B 31 -7.14 -25.41 -8.88
N GLY B 32 -6.18 -24.91 -8.10
CA GLY B 32 -4.85 -25.52 -8.04
C GLY B 32 -3.80 -24.81 -8.90
N ARG B 33 -4.16 -23.65 -9.48
CA ARG B 33 -3.21 -22.90 -10.27
C ARG B 33 -2.47 -21.90 -9.38
N GLN B 34 -1.46 -21.21 -9.92
CA GLN B 34 -0.72 -20.16 -9.21
C GLN B 34 -1.34 -18.81 -9.60
N ALA B 35 -1.46 -17.88 -8.66
CA ALA B 35 -1.94 -16.53 -9.00
C ALA B 35 -1.39 -15.51 -8.01
N PHE B 36 -1.12 -14.30 -8.51
CA PHE B 36 -0.77 -13.18 -7.67
C PHE B 36 -1.69 -12.04 -7.98
N LYS B 37 -1.90 -11.21 -6.97
CA LYS B 37 -2.61 -9.96 -7.12
C LYS B 37 -1.59 -8.89 -6.77
N ALA B 38 -1.31 -8.02 -7.75
CA ALA B 38 -0.36 -6.95 -7.58
C ALA B 38 -1.12 -5.61 -7.52
N SER B 39 -0.75 -4.75 -6.58
CA SER B 39 -1.49 -3.56 -6.25
C SER B 39 -0.54 -2.37 -6.27
N THR B 40 -1.12 -1.16 -6.23
CA THR B 40 -0.34 0.07 -6.24
C THR B 40 -1.01 1.10 -5.37
N TYR B 41 -0.22 2.07 -4.90
CA TYR B 41 -0.73 3.16 -4.06
C TYR B 41 0.18 4.36 -4.26
N THR B 42 -0.26 5.53 -3.80
CA THR B 42 0.52 6.75 -4.00
C THR B 42 0.62 7.51 -2.70
N SER B 43 1.43 8.58 -2.71
CA SER B 43 1.56 9.47 -1.58
C SER B 43 0.44 10.55 -1.59
N GLN B 44 -0.48 10.45 -2.55
CA GLN B 44 -1.58 11.43 -2.68
C GLN B 44 -2.58 11.39 -1.49
N VAL B 45 -3.09 12.55 -1.09
CA VAL B 45 -4.09 12.59 -0.05
C VAL B 45 -5.42 12.14 -0.67
N ARG B 46 -5.82 12.83 -1.74
CA ARG B 46 -7.09 12.61 -2.40
C ARG B 46 -7.11 11.20 -2.92
N GLY B 47 -8.30 10.61 -2.92
CA GLY B 47 -8.51 9.32 -3.58
C GLY B 47 -8.47 9.56 -5.08
N GLY B 48 -8.21 8.51 -5.82
CA GLY B 48 -8.22 8.61 -7.27
C GLY B 48 -8.26 7.22 -7.87
N PRO B 49 -8.01 7.12 -9.19
CA PRO B 49 -8.12 5.81 -9.84
C PRO B 49 -7.04 4.90 -9.30
N THR B 50 -7.31 3.61 -9.22
CA THR B 50 -6.21 2.70 -9.02
C THR B 50 -6.38 1.47 -9.93
N LYS B 51 -5.60 0.46 -9.66
CA LYS B 51 -5.52 -0.68 -10.53
C LYS B 51 -4.99 -1.85 -9.75
N VAL B 52 -5.41 -3.03 -10.19
CA VAL B 52 -4.94 -4.28 -9.64
C VAL B 52 -4.58 -5.13 -10.86
N ASP B 53 -3.42 -5.78 -10.80
CA ASP B 53 -3.01 -6.68 -11.85
C ASP B 53 -3.12 -8.09 -11.33
N ILE B 54 -3.65 -8.99 -12.16
CA ILE B 54 -3.79 -10.39 -11.75
C ILE B 54 -2.90 -11.20 -12.68
N ILE B 55 -2.07 -12.05 -12.09
CA ILE B 55 -1.20 -12.88 -12.88
C ILE B 55 -1.55 -14.33 -12.54
N ILE B 56 -1.88 -15.12 -13.56
CA ILE B 56 -2.28 -16.54 -13.39
C ILE B 56 -1.41 -17.46 -14.25
N ASP B 57 -0.91 -18.54 -13.67
CA ASP B 57 -0.19 -19.57 -14.43
C ASP B 57 -0.41 -20.95 -13.79
N ASP B 58 -0.05 -22.00 -14.52
CA ASP B 58 -0.09 -23.36 -14.00
C ASP B 58 1.23 -23.80 -13.42
N LYS B 59 2.25 -22.95 -13.53
CA LYS B 59 3.57 -23.29 -13.01
C LYS B 59 3.98 -22.14 -12.09
N GLU B 60 5.07 -22.31 -11.35
CA GLU B 60 5.55 -21.26 -10.46
C GLU B 60 5.58 -19.92 -11.19
N ILE B 61 5.11 -18.87 -10.52
CA ILE B 61 5.27 -17.50 -11.04
C ILE B 61 6.46 -16.92 -10.28
N LEU B 62 7.56 -16.70 -10.99
CA LEU B 62 8.78 -16.18 -10.39
C LEU B 62 8.75 -14.65 -10.19
N PHE B 63 7.90 -13.95 -10.95
CA PHE B 63 7.80 -12.48 -10.89
C PHE B 63 6.35 -12.14 -10.57
N PRO B 64 6.08 -11.69 -9.33
CA PRO B 64 4.72 -11.55 -8.86
C PRO B 64 4.08 -10.20 -9.20
N TYR B 65 4.46 -9.62 -10.33
CA TYR B 65 3.81 -8.43 -10.90
C TYR B 65 3.56 -8.67 -12.38
N ALA B 66 2.70 -7.83 -12.98
CA ALA B 66 2.48 -7.87 -14.41
C ALA B 66 3.76 -7.40 -15.11
N VAL B 67 4.06 -7.98 -16.27
CA VAL B 67 5.20 -7.50 -17.10
C VAL B 67 4.65 -6.39 -18.00
N GLU B 68 5.12 -5.16 -17.85
CA GLU B 68 4.63 -4.09 -18.71
C GLU B 68 4.90 -4.38 -20.20
N GLY B 69 3.86 -4.27 -21.04
CA GLY B 69 3.97 -4.68 -22.45
C GLY B 69 3.44 -6.10 -22.72
N GLU B 70 3.14 -6.87 -21.67
CA GLU B 70 2.65 -8.23 -21.84
C GLU B 70 1.25 -8.44 -21.28
N VAL B 71 0.60 -7.39 -20.81
CA VAL B 71 -0.72 -7.58 -20.24
C VAL B 71 -1.69 -8.00 -21.36
N ASP B 72 -2.50 -9.03 -21.11
CA ASP B 72 -3.35 -9.63 -22.17
C ASP B 72 -4.65 -8.91 -22.32
N PHE B 73 -5.15 -8.38 -21.21
CA PHE B 73 -6.48 -7.85 -21.11
C PHE B 73 -6.49 -6.76 -20.02
N MET B 74 -7.23 -5.69 -20.29
CA MET B 74 -7.49 -4.63 -19.32
C MET B 74 -8.97 -4.30 -19.34
N LEU B 75 -9.53 -4.03 -18.17
CA LEU B 75 -10.85 -3.46 -18.08
C LEU B 75 -10.72 -2.19 -17.28
N SER B 76 -11.36 -1.14 -17.77
CA SER B 76 -11.17 0.18 -17.22
C SER B 76 -12.47 0.95 -17.14
N THR B 77 -12.75 1.52 -15.96
CA THR B 77 -13.93 2.36 -15.80
C THR B 77 -13.59 3.81 -15.46
N ALA B 78 -12.32 4.20 -15.53
CA ALA B 78 -11.93 5.57 -15.20
C ALA B 78 -11.00 6.12 -16.27
N ASP B 79 -11.28 7.31 -16.78
CA ASP B 79 -10.52 7.82 -17.94
C ASP B 79 -9.03 7.94 -17.62
N LYS B 80 -8.68 8.52 -16.48
CA LYS B 80 -7.27 8.73 -16.16
C LYS B 80 -6.53 7.40 -15.93
N GLY B 81 -7.25 6.40 -15.44
CA GLY B 81 -6.68 5.07 -15.22
C GLY B 81 -6.46 4.38 -16.55
N TYR B 82 -7.42 4.52 -17.46
CA TYR B 82 -7.23 4.01 -18.83
C TYR B 82 -5.98 4.64 -19.43
N LYS B 83 -5.93 5.98 -19.44
CA LYS B 83 -4.84 6.70 -20.10
C LYS B 83 -3.48 6.43 -19.43
N GLY B 84 -3.48 6.25 -18.11
CA GLY B 84 -2.23 6.04 -17.40
C GLY B 84 -1.64 4.64 -17.50
N PHE B 85 -2.52 3.65 -17.57
CA PHE B 85 -2.09 2.24 -17.46
C PHE B 85 -2.19 1.38 -18.74
N ARG B 86 -2.95 1.82 -19.75
CA ARG B 86 -3.17 0.97 -20.94
C ARG B 86 -1.89 0.70 -21.75
N GLY B 87 -0.89 1.57 -21.60
CA GLY B 87 0.38 1.44 -22.27
C GLY B 87 1.10 0.14 -21.96
N GLY B 88 0.74 -0.52 -20.85
CA GLY B 88 1.30 -1.86 -20.52
C GLY B 88 0.61 -3.06 -21.18
N VAL B 89 -0.53 -2.82 -21.84
CA VAL B 89 -1.27 -3.91 -22.55
C VAL B 89 -0.51 -4.25 -23.85
N LYS B 90 -0.31 -5.55 -24.11
CA LYS B 90 0.36 -6.00 -25.34
C LYS B 90 -0.35 -5.42 -26.55
N GLU B 91 0.40 -5.11 -27.62
CA GLU B 91 -0.26 -4.65 -28.84
C GLU B 91 -1.23 -5.70 -29.30
N GLY B 92 -2.40 -5.28 -29.78
CA GLY B 92 -3.47 -6.24 -30.14
C GLY B 92 -4.15 -6.90 -28.93
N GLY B 93 -3.75 -6.51 -27.71
CA GLY B 93 -4.44 -6.98 -26.50
C GLY B 93 -5.87 -6.47 -26.43
N ILE B 94 -6.70 -7.10 -25.63
CA ILE B 94 -8.10 -6.68 -25.47
C ILE B 94 -8.26 -5.68 -24.32
N ILE B 95 -8.97 -4.59 -24.57
CA ILE B 95 -9.32 -3.64 -23.55
C ILE B 95 -10.82 -3.39 -23.61
N VAL B 96 -11.49 -3.57 -22.48
CA VAL B 96 -12.89 -3.22 -22.33
C VAL B 96 -12.95 -1.90 -21.56
N VAL B 97 -13.70 -0.92 -22.09
CA VAL B 97 -13.84 0.36 -21.43
C VAL B 97 -15.31 0.71 -21.19
N GLU B 98 -15.54 1.53 -20.18
CA GLU B 98 -16.87 2.01 -19.87
C GLU B 98 -17.01 3.32 -20.67
N PRO B 99 -17.84 3.31 -21.73
CA PRO B 99 -17.90 4.45 -22.65
C PRO B 99 -18.51 5.71 -22.04
N ASN B 100 -19.27 5.57 -20.97
CA ASN B 100 -19.78 6.75 -20.25
C ASN B 100 -18.68 7.51 -19.51
N LEU B 101 -17.51 6.87 -19.32
CA LEU B 101 -16.46 7.39 -18.45
C LEU B 101 -15.06 7.43 -19.09
N VAL B 102 -14.80 6.54 -20.05
CA VAL B 102 -13.47 6.41 -20.65
C VAL B 102 -13.54 6.86 -22.11
N HIS B 103 -12.59 7.70 -22.51
CA HIS B 103 -12.57 8.23 -23.88
C HIS B 103 -11.18 8.15 -24.50
N PRO B 104 -10.86 7.00 -25.13
CA PRO B 104 -9.52 6.81 -25.72
C PRO B 104 -9.26 7.82 -26.82
N GLU B 105 -7.98 8.16 -27.00
CA GLU B 105 -7.50 8.86 -28.20
C GLU B 105 -7.73 7.95 -29.41
N SER B 106 -8.02 8.53 -30.58
CA SER B 106 -8.41 7.74 -31.74
C SER B 106 -7.35 6.71 -32.16
N GLU B 107 -6.06 7.05 -32.05
CA GLU B 107 -4.99 6.12 -32.44
CA GLU B 107 -4.99 6.11 -32.45
C GLU B 107 -4.98 4.84 -31.60
N ASP B 108 -5.51 4.91 -30.38
CA ASP B 108 -5.54 3.72 -29.52
C ASP B 108 -6.28 2.57 -30.20
N TYR B 109 -7.31 2.89 -30.99
CA TYR B 109 -8.12 1.85 -31.65
C TYR B 109 -7.34 1.05 -32.69
N LYS B 110 -6.16 1.58 -33.06
CA LYS B 110 -5.24 0.88 -33.96
C LYS B 110 -4.28 -0.06 -33.23
N LYS B 111 -3.91 0.30 -31.99
CA LYS B 111 -2.93 -0.48 -31.23
C LYS B 111 -3.56 -1.65 -30.47
N TRP B 112 -4.79 -1.46 -30.00
CA TRP B 112 -5.51 -2.45 -29.18
C TRP B 112 -6.89 -2.75 -29.74
N GLN B 113 -7.43 -3.91 -29.35
CA GLN B 113 -8.83 -4.25 -29.62
C GLN B 113 -9.71 -3.77 -28.46
N ILE B 114 -10.43 -2.67 -28.71
CA ILE B 114 -11.16 -1.97 -27.67
C ILE B 114 -12.67 -2.20 -27.75
N PHE B 115 -13.26 -2.64 -26.65
CA PHE B 115 -14.71 -2.89 -26.60
C PHE B 115 -15.35 -1.94 -25.60
N GLU B 116 -16.52 -1.42 -25.94
CA GLU B 116 -17.26 -0.56 -25.03
C GLU B 116 -18.41 -1.35 -24.40
N ILE B 117 -18.38 -1.46 -23.07
CA ILE B 117 -19.47 -2.12 -22.34
C ILE B 117 -19.78 -1.22 -21.15
N PRO B 118 -21.05 -0.79 -21.01
CA PRO B 118 -21.42 0.13 -19.92
C PRO B 118 -21.70 -0.62 -18.61
N ILE B 119 -20.64 -1.17 -18.04
CA ILE B 119 -20.64 -1.99 -16.83
C ILE B 119 -21.46 -1.36 -15.69
N ILE B 120 -21.29 -0.05 -15.51
CA ILE B 120 -21.88 0.60 -14.34
C ILE B 120 -23.41 0.75 -14.50
N THR B 121 -23.83 1.08 -15.72
CA THR B 121 -25.25 1.12 -16.04
C THR B 121 -25.88 -0.27 -15.93
N ILE B 122 -25.17 -1.28 -16.42
CA ILE B 122 -25.64 -2.66 -16.33
C ILE B 122 -25.90 -3.03 -14.86
N ALA B 123 -24.89 -2.83 -14.03
CA ALA B 123 -24.99 -3.11 -12.60
C ALA B 123 -26.11 -2.32 -11.92
N LYS B 124 -26.16 -1.02 -12.21
CA LYS B 124 -27.09 -0.09 -11.56
C LYS B 124 -28.54 -0.30 -12.01
N ASP B 125 -28.76 -0.37 -13.33
CA ASP B 125 -30.11 -0.47 -13.91
C ASP B 125 -30.62 -1.86 -14.18
N GLU B 126 -29.78 -2.73 -14.74
CA GLU B 126 -30.26 -4.05 -15.15
C GLU B 126 -30.21 -5.07 -14.05
N VAL B 127 -29.20 -4.98 -13.18
CA VAL B 127 -29.09 -5.86 -12.02
C VAL B 127 -29.87 -5.24 -10.86
N GLY B 128 -29.89 -3.91 -10.78
CA GLY B 128 -30.59 -3.23 -9.68
C GLY B 128 -29.71 -2.95 -8.49
N ASN B 129 -28.40 -3.07 -8.68
CA ASN B 129 -27.45 -2.80 -7.60
C ASN B 129 -26.04 -2.52 -8.13
N VAL B 130 -25.65 -1.26 -8.08
CA VAL B 130 -24.36 -0.79 -8.61
C VAL B 130 -23.14 -1.50 -8.00
N ALA B 131 -23.27 -1.96 -6.76
CA ALA B 131 -22.23 -2.77 -6.09
C ALA B 131 -21.98 -4.16 -6.72
N THR B 132 -22.82 -4.61 -7.65
CA THR B 132 -22.51 -5.83 -8.40
C THR B 132 -21.57 -5.56 -9.61
N GLN B 133 -21.16 -4.30 -9.78
CA GLN B 133 -20.35 -3.92 -10.94
C GLN B 133 -19.05 -4.76 -11.03
N SER B 134 -18.46 -5.14 -9.90
CA SER B 134 -17.24 -5.94 -9.92
C SER B 134 -17.47 -7.35 -10.52
N VAL B 135 -18.68 -7.89 -10.35
CA VAL B 135 -19.01 -9.23 -10.84
C VAL B 135 -19.41 -9.18 -12.31
N VAL B 136 -20.10 -8.11 -12.72
CA VAL B 136 -20.26 -7.85 -14.15
C VAL B 136 -18.87 -7.83 -14.82
N ALA B 137 -17.96 -7.02 -14.27
CA ALA B 137 -16.57 -6.91 -14.75
C ALA B 137 -15.82 -8.24 -14.73
N LEU B 138 -15.98 -9.00 -13.66
CA LEU B 138 -15.33 -10.30 -13.53
C LEU B 138 -15.70 -11.28 -14.65
N ALA B 139 -17.00 -11.38 -14.94
CA ALA B 139 -17.49 -12.26 -15.98
C ALA B 139 -16.99 -11.85 -17.39
N ILE B 140 -16.98 -10.55 -17.65
CA ILE B 140 -16.49 -10.01 -18.90
C ILE B 140 -15.00 -10.34 -19.05
N ALA B 141 -14.20 -10.05 -18.01
CA ALA B 141 -12.77 -10.38 -18.04
C ALA B 141 -12.51 -11.86 -18.33
N ALA B 142 -13.21 -12.74 -17.61
CA ALA B 142 -13.05 -14.18 -17.78
C ALA B 142 -13.41 -14.61 -19.22
N TYR B 143 -14.52 -14.08 -19.74
CA TYR B 143 -15.01 -14.50 -21.06
C TYR B 143 -14.06 -14.01 -22.15
N MET B 144 -13.63 -12.76 -22.04
CA MET B 144 -12.76 -12.22 -23.07
C MET B 144 -11.36 -12.82 -23.04
N SER B 145 -10.80 -12.98 -21.84
CA SER B 145 -9.41 -13.45 -21.68
C SER B 145 -9.27 -14.95 -21.92
N LYS B 146 -10.38 -15.69 -21.78
CA LYS B 146 -10.38 -17.17 -21.73
C LYS B 146 -9.48 -17.74 -20.64
N CYS B 147 -9.26 -16.99 -19.54
CA CYS B 147 -8.26 -17.42 -18.55
C CYS B 147 -8.75 -18.50 -17.58
N ILE B 148 -10.06 -18.73 -17.53
CA ILE B 148 -10.64 -19.68 -16.59
C ILE B 148 -12.01 -20.14 -17.10
N ASP B 149 -12.38 -21.38 -16.75
CA ASP B 149 -13.73 -21.89 -17.05
C ASP B 149 -14.79 -21.00 -16.39
N LEU B 150 -15.82 -20.62 -17.14
CA LEU B 150 -16.84 -19.70 -16.64
C LEU B 150 -17.72 -20.30 -15.55
N ASP B 151 -18.06 -21.58 -15.67
CA ASP B 151 -18.92 -22.24 -14.67
C ASP B 151 -18.14 -22.42 -13.38
N VAL B 152 -16.85 -22.73 -13.51
CA VAL B 152 -15.96 -22.89 -12.37
C VAL B 152 -15.85 -21.54 -11.65
N LEU B 153 -15.65 -20.47 -12.43
CA LEU B 153 -15.52 -19.12 -11.83
C LEU B 153 -16.79 -18.67 -11.11
N LYS B 154 -17.93 -18.80 -11.78
CA LYS B 154 -19.22 -18.44 -11.19
C LYS B 154 -19.48 -19.12 -9.84
N GLU B 155 -19.14 -20.41 -9.76
CA GLU B 155 -19.29 -21.17 -8.50
C GLU B 155 -18.42 -20.63 -7.39
N THR B 156 -17.15 -20.41 -7.70
CA THR B 156 -16.26 -19.87 -6.70
C THR B 156 -16.66 -18.49 -6.24
N MET B 157 -17.02 -17.63 -7.20
CA MET B 157 -17.46 -16.29 -6.88
C MET B 157 -18.64 -16.37 -5.92
N LEU B 158 -19.58 -17.28 -6.20
CA LEU B 158 -20.77 -17.36 -5.36
C LEU B 158 -20.46 -17.79 -3.92
N HIS B 159 -19.49 -18.71 -3.73
CA HIS B 159 -19.10 -19.07 -2.36
C HIS B 159 -18.34 -17.92 -1.69
N MET B 160 -17.70 -17.05 -2.47
CA MET B 160 -16.90 -15.96 -1.90
C MET B 160 -17.71 -14.74 -1.47
N VAL B 161 -18.75 -14.39 -2.22
CA VAL B 161 -19.54 -13.18 -1.86
C VAL B 161 -20.51 -13.42 -0.68
N PRO B 162 -20.92 -12.33 0.03
CA PRO B 162 -21.90 -12.48 1.11
C PRO B 162 -23.22 -13.12 0.63
N ALA B 163 -23.77 -14.01 1.44
CA ALA B 163 -25.01 -14.74 1.13
C ALA B 163 -26.09 -13.82 0.60
N LYS B 164 -26.25 -12.68 1.26
CA LYS B 164 -27.25 -11.65 0.92
C LYS B 164 -27.18 -11.17 -0.54
N THR B 165 -25.98 -11.23 -1.14
CA THR B 165 -25.76 -10.71 -2.50
C THR B 165 -25.74 -11.80 -3.60
N ARG B 166 -25.91 -13.06 -3.22
CA ARG B 166 -25.73 -14.18 -4.16
C ARG B 166 -26.71 -14.20 -5.32
N ASP B 167 -27.94 -13.82 -5.06
CA ASP B 167 -28.97 -13.69 -6.08
C ASP B 167 -28.57 -12.67 -7.13
N ALA B 168 -28.32 -11.45 -6.67
CA ALA B 168 -27.94 -10.32 -7.53
C ALA B 168 -26.60 -10.59 -8.26
N ASN B 169 -25.62 -11.16 -7.57
CA ASN B 169 -24.29 -11.46 -8.19
C ASN B 169 -24.29 -12.57 -9.26
N ALA B 170 -25.22 -13.53 -9.13
CA ALA B 170 -25.45 -14.56 -10.16
C ALA B 170 -25.99 -13.90 -11.42
N LYS B 171 -27.01 -13.05 -11.25
CA LYS B 171 -27.57 -12.30 -12.37
C LYS B 171 -26.53 -11.37 -13.01
N ALA B 172 -25.73 -10.71 -12.17
CA ALA B 172 -24.70 -9.77 -12.69
C ALA B 172 -23.68 -10.52 -13.53
N PHE B 173 -23.29 -11.71 -13.04
CA PHE B 173 -22.31 -12.55 -13.73
C PHE B 173 -22.85 -12.98 -15.10
N ASP B 174 -24.08 -13.48 -15.12
CA ASP B 174 -24.71 -13.92 -16.39
C ASP B 174 -24.82 -12.78 -17.39
N LEU B 175 -25.14 -11.57 -16.90
CA LEU B 175 -25.25 -10.39 -17.78
C LEU B 175 -23.91 -9.94 -18.32
N GLY B 176 -22.89 -10.01 -17.47
CA GLY B 176 -21.50 -9.79 -17.93
C GLY B 176 -21.13 -10.71 -19.10
N VAL B 177 -21.41 -12.01 -18.94
CA VAL B 177 -21.13 -12.99 -20.01
C VAL B 177 -21.90 -12.63 -21.29
N LYS B 178 -23.19 -12.35 -21.15
CA LYS B 178 -24.03 -11.96 -22.28
C LYS B 178 -23.41 -10.76 -23.04
N TYR B 179 -23.11 -9.68 -22.31
CA TYR B 179 -22.59 -8.46 -22.93
C TYR B 179 -21.24 -8.63 -23.62
N ALA B 180 -20.37 -9.44 -23.02
CA ALA B 180 -19.07 -9.71 -23.57
C ALA B 180 -19.19 -10.64 -24.78
N THR B 181 -20.15 -11.57 -24.73
CA THR B 181 -20.47 -12.42 -25.87
C THR B 181 -20.88 -11.62 -27.12
N GLN B 182 -21.61 -10.52 -26.91
CA GLN B 182 -22.15 -9.71 -28.01
C GLN B 182 -21.26 -8.55 -28.45
N ALA B 183 -20.24 -8.24 -27.65
CA ALA B 183 -19.41 -7.05 -27.86
C ALA B 183 -18.53 -7.13 -29.13
N LYS B 184 -18.48 -6.02 -29.87
CA LYS B 184 -17.62 -5.89 -31.05
C LYS B 184 -16.53 -4.82 -30.86
N PRO B 185 -15.32 -5.07 -31.42
CA PRO B 185 -14.26 -4.08 -31.17
C PRO B 185 -14.61 -2.78 -31.88
N HIS B 186 -14.06 -1.67 -31.41
CA HIS B 186 -14.33 -0.36 -31.99
C HIS B 186 -13.41 -0.17 -33.18
N LEU C 3 -3.40 -21.61 18.64
CA LEU C 3 -3.15 -20.18 19.01
C LEU C 3 -2.97 -19.29 17.79
N LYS C 4 -3.69 -18.18 17.75
CA LYS C 4 -3.41 -17.12 16.78
C LYS C 4 -2.31 -16.20 17.35
N TYR C 5 -1.22 -16.02 16.60
CA TYR C 5 -0.13 -15.13 17.07
C TYR C 5 -0.17 -13.83 16.26
N GLN C 6 -0.03 -12.70 16.93
CA GLN C 6 0.03 -11.42 16.23
C GLN C 6 1.30 -10.67 16.69
N LEU C 7 2.19 -10.40 15.74
CA LEU C 7 3.47 -9.80 16.07
C LEU C 7 3.64 -8.49 15.32
N ARG C 8 4.17 -7.47 15.99
CA ARG C 8 4.38 -6.15 15.39
C ARG C 8 5.87 -5.86 15.36
N PHE C 9 6.38 -5.50 14.19
CA PHE C 9 7.79 -5.10 14.02
C PHE C 9 7.82 -3.66 13.57
N GLY C 10 8.62 -2.84 14.25
CA GLY C 10 8.71 -1.42 13.91
C GLY C 10 10.16 -0.96 13.83
N GLY C 11 10.48 -0.21 12.79
CA GLY C 11 11.84 0.30 12.62
C GLY C 11 11.85 1.59 11.84
N GLU C 12 12.91 1.77 11.06
CA GLU C 12 13.05 2.91 10.15
C GLU C 12 13.63 2.40 8.85
N GLY C 16 16.01 -3.85 8.00
CA GLY C 16 16.34 -4.44 9.27
C GLY C 16 15.16 -5.23 9.80
N VAL C 17 14.43 -4.60 10.70
CA VAL C 17 13.38 -5.27 11.47
C VAL C 17 12.17 -5.73 10.65
N ILE C 18 11.84 -5.01 9.59
CA ILE C 18 10.72 -5.41 8.75
C ILE C 18 10.96 -6.78 8.18
N THR C 19 12.14 -6.98 7.58
CA THR C 19 12.57 -8.25 6.99
C THR C 19 12.41 -9.42 7.98
N ALA C 20 12.68 -9.18 9.27
CA ALA C 20 12.47 -10.23 10.30
C ALA C 20 11.03 -10.76 10.18
N GLY C 21 10.06 -9.85 10.07
CA GLY C 21 8.64 -10.23 10.01
C GLY C 21 8.33 -11.11 8.81
N GLU C 22 8.88 -10.75 7.67
CA GLU C 22 8.59 -11.52 6.47
C GLU C 22 9.24 -12.92 6.43
N ILE C 23 10.48 -13.04 6.89
CA ILE C 23 11.10 -14.35 7.10
C ILE C 23 10.26 -15.26 8.03
N LEU C 24 9.79 -14.69 9.15
CA LEU C 24 8.96 -15.43 10.11
C LEU C 24 7.68 -15.95 9.47
N ALA C 25 6.99 -15.08 8.73
CA ALA C 25 5.75 -15.42 8.08
C ALA C 25 5.96 -16.54 7.04
N GLU C 26 7.03 -16.42 6.26
CA GLU C 26 7.28 -17.38 5.19
C GLU C 26 7.63 -18.75 5.80
N ALA C 27 8.39 -18.73 6.90
CA ALA C 27 8.71 -19.96 7.62
C ALA C 27 7.44 -20.63 8.14
N ALA C 28 6.51 -19.85 8.68
CA ALA C 28 5.22 -20.40 9.17
C ALA C 28 4.41 -21.07 8.05
N ILE C 29 4.40 -20.41 6.88
CA ILE C 29 3.69 -20.91 5.71
C ILE C 29 4.33 -22.19 5.19
N LYS C 30 5.66 -22.20 5.15
CA LYS C 30 6.42 -23.36 4.71
C LYS C 30 6.14 -24.59 5.59
N GLU C 31 5.92 -24.41 6.89
CA GLU C 31 5.59 -25.56 7.74
C GLU C 31 4.11 -25.99 7.69
N GLY C 32 3.29 -25.28 6.93
CA GLY C 32 1.91 -25.67 6.74
C GLY C 32 0.88 -24.82 7.47
N ARG C 33 1.31 -23.71 8.10
CA ARG C 33 0.38 -22.80 8.76
C ARG C 33 -0.07 -21.63 7.87
N GLN C 34 -1.05 -20.86 8.33
CA GLN C 34 -1.52 -19.66 7.64
C GLN C 34 -0.76 -18.44 8.19
N ALA C 35 -0.36 -17.52 7.30
CA ALA C 35 0.25 -16.26 7.76
C ALA C 35 0.01 -15.11 6.76
N PHE C 36 -0.18 -13.91 7.30
CA PHE C 36 -0.39 -12.69 6.52
C PHE C 36 0.57 -11.62 7.02
N LYS C 37 0.90 -10.70 6.13
CA LYS C 37 1.67 -9.54 6.50
C LYS C 37 0.81 -8.30 6.27
N ALA C 38 0.68 -7.45 7.29
CA ALA C 38 -0.04 -6.19 7.11
C ALA C 38 0.92 -5.02 7.26
N SER C 39 0.74 -4.04 6.39
CA SER C 39 1.70 -2.97 6.19
C SER C 39 0.90 -1.66 6.18
N THR C 40 1.60 -0.54 6.20
CA THR C 40 0.98 0.76 6.35
CA THR C 40 0.96 0.75 6.29
C THR C 40 1.84 1.75 5.58
N TYR C 41 1.22 2.81 5.06
CA TYR C 41 1.92 3.90 4.40
C TYR C 41 1.17 5.19 4.71
N THR C 42 1.76 6.33 4.36
CA THR C 42 1.11 7.60 4.66
C THR C 42 1.28 8.54 3.47
N SER C 43 0.63 9.69 3.54
CA SER C 43 0.53 10.61 2.42
C SER C 43 1.71 11.58 2.35
N GLN C 44 2.92 11.04 2.25
CA GLN C 44 4.14 11.84 1.97
C GLN C 44 5.10 11.04 1.08
N VAL C 45 6.02 11.73 0.41
CA VAL C 45 6.94 11.03 -0.45
C VAL C 45 8.05 10.33 0.34
N ARG C 46 8.39 10.88 1.50
CA ARG C 46 9.50 10.33 2.25
C ARG C 46 9.11 9.13 3.11
N GLY C 47 10.01 8.15 3.16
CA GLY C 47 9.85 6.99 4.05
C GLY C 47 10.15 7.47 5.46
N GLY C 48 9.28 7.17 6.40
CA GLY C 48 9.55 7.51 7.78
C GLY C 48 9.66 6.24 8.62
N PRO C 49 9.09 6.25 9.83
CA PRO C 49 9.02 5.02 10.64
C PRO C 49 8.27 3.92 9.86
N THR C 50 8.72 2.69 10.03
CA THR C 50 8.14 1.53 9.34
C THR C 50 7.44 0.63 10.38
N LYS C 51 6.36 -0.04 9.99
CA LYS C 51 5.76 -1.05 10.86
C LYS C 51 5.15 -2.12 9.98
N VAL C 52 5.39 -3.36 10.36
CA VAL C 52 4.74 -4.48 9.72
C VAL C 52 4.15 -5.38 10.82
N ASP C 53 2.90 -5.80 10.63
CA ASP C 53 2.27 -6.78 11.49
C ASP C 53 2.29 -8.17 10.84
N ILE C 54 2.60 -9.19 11.63
CA ILE C 54 2.61 -10.57 11.15
C ILE C 54 1.59 -11.34 11.96
N ILE C 55 0.66 -11.99 11.28
CA ILE C 55 -0.40 -12.77 11.91
C ILE C 55 -0.29 -14.24 11.46
N ILE C 56 -0.21 -15.16 12.42
CA ILE C 56 0.05 -16.58 12.16
C ILE C 56 -1.03 -17.38 12.90
N ASP C 57 -1.55 -18.40 12.24
CA ASP C 57 -2.55 -19.28 12.84
C ASP C 57 -2.54 -20.60 12.07
N ASP C 58 -3.06 -21.66 12.68
CA ASP C 58 -3.15 -22.93 11.98
C ASP C 58 -4.56 -23.16 11.42
N LYS C 59 -5.39 -22.11 11.45
CA LYS C 59 -6.69 -22.13 10.78
C LYS C 59 -6.82 -20.90 9.89
N GLU C 60 -7.95 -20.82 9.19
CA GLU C 60 -8.23 -19.69 8.32
C GLU C 60 -8.22 -18.39 9.13
N ILE C 61 -7.43 -17.42 8.68
CA ILE C 61 -7.43 -16.09 9.30
C ILE C 61 -8.48 -15.27 8.57
N LEU C 62 -9.52 -14.83 9.28
CA LEU C 62 -10.64 -14.15 8.60
C LEU C 62 -10.61 -12.62 8.70
N PHE C 63 -9.50 -12.10 9.20
CA PHE C 63 -9.26 -10.67 9.24
C PHE C 63 -7.75 -10.50 8.99
N PRO C 64 -7.39 -9.87 7.87
CA PRO C 64 -6.00 -9.88 7.42
C PRO C 64 -5.14 -8.73 7.99
N TYR C 65 -5.47 -8.28 9.21
CA TYR C 65 -4.70 -7.25 9.90
C TYR C 65 -4.52 -7.67 11.35
N ALA C 66 -3.61 -6.98 12.05
CA ALA C 66 -3.53 -7.12 13.51
C ALA C 66 -4.80 -6.56 14.12
N VAL C 67 -5.26 -7.18 15.21
CA VAL C 67 -6.36 -6.64 15.98
C VAL C 67 -5.77 -5.71 17.02
N GLU C 68 -6.07 -4.42 16.90
CA GLU C 68 -5.57 -3.45 17.89
C GLU C 68 -6.07 -3.80 19.29
N GLY C 69 -5.12 -3.92 20.23
CA GLY C 69 -5.41 -4.38 21.57
C GLY C 69 -5.11 -5.86 21.79
N GLU C 70 -4.87 -6.63 20.71
CA GLU C 70 -4.58 -8.07 20.79
C GLU C 70 -3.19 -8.49 20.32
N VAL C 71 -2.38 -7.51 19.94
CA VAL C 71 -1.03 -7.83 19.52
C VAL C 71 -0.29 -8.43 20.73
N ASP C 72 0.29 -9.60 20.53
CA ASP C 72 1.00 -10.33 21.59
C ASP C 72 2.37 -9.78 21.90
N PHE C 73 3.04 -9.25 20.88
CA PHE C 73 4.46 -8.99 20.95
C PHE C 73 4.82 -7.85 20.01
N MET C 74 5.69 -6.94 20.44
CA MET C 74 6.29 -5.94 19.53
C MET C 74 7.81 -5.87 19.68
N LEU C 75 8.52 -5.72 18.55
CA LEU C 75 9.93 -5.42 18.56
C LEU C 75 10.06 -4.08 17.89
N SER C 76 10.71 -3.13 18.57
CA SER C 76 10.86 -1.76 18.08
C SER C 76 12.30 -1.21 18.17
N THR C 77 12.82 -0.67 17.07
CA THR C 77 14.13 -0.05 17.00
C THR C 77 14.11 1.45 16.66
N ALA C 78 12.93 2.06 16.63
CA ALA C 78 12.80 3.49 16.41
C ALA C 78 11.80 4.09 17.38
N ASP C 79 12.20 5.19 18.03
CA ASP C 79 11.38 5.77 19.09
C ASP C 79 9.96 6.18 18.62
N LYS C 80 9.88 6.82 17.46
CA LYS C 80 8.61 7.40 17.01
C LYS C 80 7.59 6.29 16.76
N GLY C 81 8.06 5.22 16.13
CA GLY C 81 7.20 4.08 15.81
C GLY C 81 6.82 3.35 17.08
N TYR C 82 7.74 3.31 18.04
CA TYR C 82 7.39 2.69 19.34
C TYR C 82 6.23 3.45 19.99
N LYS C 83 6.38 4.78 20.10
CA LYS C 83 5.37 5.61 20.79
C LYS C 83 4.01 5.61 20.05
N GLY C 84 4.08 5.49 18.72
CA GLY C 84 2.89 5.54 17.87
C GLY C 84 2.11 4.23 17.82
N PHE C 85 2.82 3.11 17.90
CA PHE C 85 2.21 1.79 17.64
C PHE C 85 2.14 0.82 18.82
N ARG C 86 2.88 1.07 19.90
CA ARG C 86 2.83 0.11 21.04
C ARG C 86 1.46 0.02 21.73
N GLY C 87 0.64 1.07 21.57
CA GLY C 87 -0.69 1.10 22.17
C GLY C 87 -1.59 -0.04 21.67
N GLY C 88 -1.27 -0.62 20.53
CA GLY C 88 -2.03 -1.78 20.06
C GLY C 88 -1.64 -3.13 20.71
N VAL C 89 -0.58 -3.12 21.51
CA VAL C 89 -0.09 -4.35 22.16
C VAL C 89 -0.99 -4.66 23.37
N LYS C 90 -1.40 -5.93 23.49
CA LYS C 90 -2.31 -6.34 24.58
C LYS C 90 -1.68 -6.02 25.94
N GLU C 91 -2.50 -5.70 26.93
CA GLU C 91 -2.00 -5.46 28.28
C GLU C 91 -1.20 -6.67 28.74
N GLY C 92 0.00 -6.42 29.27
CA GLY C 92 0.87 -7.50 29.74
C GLY C 92 1.58 -8.25 28.61
N GLY C 93 1.43 -7.76 27.38
CA GLY C 93 2.18 -8.31 26.25
C GLY C 93 3.66 -7.94 26.31
N ILE C 94 4.45 -8.60 25.45
CA ILE C 94 5.88 -8.39 25.42
C ILE C 94 6.28 -7.36 24.39
N ILE C 95 7.14 -6.43 24.80
CA ILE C 95 7.77 -5.50 23.89
C ILE C 95 9.28 -5.51 24.08
N VAL C 96 10.03 -5.65 22.99
CA VAL C 96 11.47 -5.56 23.01
C VAL C 96 11.83 -4.26 22.34
N VAL C 97 12.67 -3.45 23.01
CA VAL C 97 13.13 -2.17 22.46
C VAL C 97 14.65 -2.10 22.41
N GLU C 98 15.13 -1.38 21.41
CA GLU C 98 16.54 -1.04 21.27
C GLU C 98 16.81 0.20 22.19
N PRO C 99 17.44 -0.02 23.36
CA PRO C 99 17.59 1.01 24.40
C PRO C 99 18.42 2.21 23.98
N ASN C 100 19.23 2.05 22.93
CA ASN C 100 19.96 3.20 22.39
C ASN C 100 19.11 4.11 21.50
N LEU C 101 17.90 3.67 21.12
CA LEU C 101 17.08 4.45 20.19
C LEU C 101 15.67 4.69 20.67
N VAL C 102 15.19 3.80 21.54
CA VAL C 102 13.81 3.84 22.01
C VAL C 102 13.75 4.16 23.49
N HIS C 103 12.92 5.13 23.84
CA HIS C 103 12.88 5.62 25.21
C HIS C 103 11.46 5.72 25.75
N PRO C 104 10.94 4.60 26.31
CA PRO C 104 9.56 4.58 26.77
C PRO C 104 9.29 5.51 27.95
N GLU C 105 8.10 6.10 27.99
CA GLU C 105 7.63 6.80 29.18
C GLU C 105 7.55 5.77 30.30
N SER C 106 7.85 6.19 31.52
CA SER C 106 7.99 5.24 32.63
C SER C 106 6.71 4.42 32.89
N GLU C 107 5.53 5.00 32.63
CA GLU C 107 4.26 4.26 32.88
C GLU C 107 4.07 3.03 31.98
N ASP C 108 4.78 3.01 30.85
CA ASP C 108 4.79 1.88 29.90
C ASP C 108 5.28 0.57 30.56
N TYR C 109 6.27 0.70 31.44
CA TYR C 109 6.85 -0.45 32.15
C TYR C 109 5.84 -1.18 33.05
N LYS C 110 4.78 -0.51 33.47
CA LYS C 110 3.71 -1.15 34.24
C LYS C 110 2.68 -1.85 33.36
N LYS C 111 2.44 -1.34 32.16
CA LYS C 111 1.40 -1.90 31.29
C LYS C 111 1.88 -3.13 30.51
N TRP C 112 3.12 -3.04 30.03
CA TRP C 112 3.75 -4.07 29.22
C TRP C 112 5.03 -4.58 29.87
N GLN C 113 5.43 -5.78 29.47
CA GLN C 113 6.73 -6.31 29.86
C GLN C 113 7.75 -5.91 28.84
N ILE C 114 8.59 -4.97 29.22
CA ILE C 114 9.50 -4.34 28.29
C ILE C 114 10.92 -4.81 28.54
N PHE C 115 11.56 -5.32 27.50
CA PHE C 115 12.90 -5.87 27.56
C PHE C 115 13.79 -5.00 26.71
N GLU C 116 14.99 -4.70 27.19
CA GLU C 116 15.92 -3.89 26.41
C GLU C 116 16.99 -4.78 25.80
N ILE C 117 17.07 -4.78 24.47
CA ILE C 117 18.11 -5.54 23.77
C ILE C 117 18.70 -4.69 22.66
N PRO C 118 20.01 -4.39 22.76
CA PRO C 118 20.68 -3.53 21.77
C PRO C 118 20.95 -4.26 20.44
N ILE C 119 19.87 -4.64 19.76
CA ILE C 119 19.92 -5.39 18.49
C ILE C 119 20.94 -4.85 17.47
N ILE C 120 20.94 -3.52 17.28
CA ILE C 120 21.76 -2.91 16.23
C ILE C 120 23.26 -3.07 16.53
N THR C 121 23.64 -2.87 17.78
CA THR C 121 25.04 -3.14 18.20
C THR C 121 25.45 -4.63 18.12
N ILE C 122 24.55 -5.51 18.53
CA ILE C 122 24.79 -6.94 18.44
C ILE C 122 25.13 -7.35 17.00
N ALA C 123 24.34 -6.86 16.04
CA ALA C 123 24.61 -7.13 14.63
C ALA C 123 25.93 -6.46 14.16
N LYS C 124 26.06 -5.15 14.40
CA LYS C 124 27.24 -4.38 14.00
C LYS C 124 28.52 -4.90 14.64
N ASP C 125 28.51 -5.05 15.97
CA ASP C 125 29.73 -5.36 16.71
C ASP C 125 30.03 -6.86 16.81
N GLU C 126 29.09 -7.62 17.35
CA GLU C 126 29.33 -9.05 17.60
C GLU C 126 29.31 -9.94 16.35
N VAL C 127 28.39 -9.66 15.44
CA VAL C 127 28.32 -10.44 14.20
C VAL C 127 29.24 -9.84 13.13
N GLY C 128 29.43 -8.53 13.18
CA GLY C 128 30.32 -7.83 12.26
C GLY C 128 29.64 -7.41 10.97
N ASN C 129 28.31 -7.29 11.01
CA ASN C 129 27.52 -6.92 9.84
C ASN C 129 26.16 -6.41 10.28
N VAL C 130 25.99 -5.09 10.24
CA VAL C 130 24.77 -4.44 10.72
C VAL C 130 23.50 -4.92 9.99
N ALA C 131 23.67 -5.40 8.76
CA ALA C 131 22.54 -5.92 7.96
C ALA C 131 21.88 -7.17 8.56
N THR C 132 22.64 -7.95 9.34
CA THR C 132 22.10 -9.15 10.02
C THR C 132 21.21 -8.85 11.22
N GLN C 133 20.93 -7.56 11.47
CA GLN C 133 20.04 -7.16 12.57
C GLN C 133 18.64 -7.72 12.39
N SER C 134 18.26 -7.93 11.13
CA SER C 134 16.98 -8.53 10.78
C SER C 134 16.91 -9.96 11.34
N VAL C 135 18.02 -10.69 11.29
CA VAL C 135 18.05 -12.08 11.80
C VAL C 135 18.21 -12.13 13.33
N VAL C 136 18.94 -11.18 13.89
CA VAL C 136 18.93 -11.02 15.34
C VAL C 136 17.49 -10.78 15.83
N ALA C 137 16.80 -9.81 15.21
CA ALA C 137 15.42 -9.46 15.55
C ALA C 137 14.48 -10.64 15.34
N LEU C 138 14.73 -11.41 14.30
CA LEU C 138 13.87 -12.57 14.00
C LEU C 138 13.88 -13.58 15.13
N ALA C 139 15.08 -13.95 15.56
CA ALA C 139 15.27 -14.92 16.63
C ALA C 139 14.63 -14.46 17.94
N ILE C 140 14.86 -13.20 18.30
CA ILE C 140 14.27 -12.64 19.53
C ILE C 140 12.74 -12.73 19.49
N ALA C 141 12.15 -12.31 18.37
CA ALA C 141 10.70 -12.30 18.24
C ALA C 141 10.13 -13.72 18.32
N ALA C 142 10.80 -14.67 17.68
CA ALA C 142 10.32 -16.03 17.66
C ALA C 142 10.43 -16.69 19.06
N TYR C 143 11.58 -16.51 19.73
CA TYR C 143 11.72 -16.88 21.17
C TYR C 143 10.65 -16.18 22.04
N MET C 144 10.64 -14.85 22.03
CA MET C 144 9.74 -14.11 22.91
C MET C 144 8.27 -14.42 22.68
N SER C 145 7.83 -14.50 21.42
CA SER C 145 6.40 -14.77 21.14
C SER C 145 6.00 -16.27 21.27
N LYS C 146 7.01 -17.13 21.39
CA LYS C 146 6.77 -18.58 21.39
C LYS C 146 5.99 -19.12 20.15
N CYS C 147 6.05 -18.43 19.01
CA CYS C 147 5.11 -18.70 17.92
C CYS C 147 5.54 -19.83 16.97
N ILE C 148 6.77 -20.31 17.09
CA ILE C 148 7.34 -21.29 16.16
C ILE C 148 8.51 -22.02 16.81
N ASP C 149 8.78 -23.25 16.34
CA ASP C 149 9.96 -24.02 16.79
C ASP C 149 11.24 -23.35 16.27
N LEU C 150 12.16 -23.03 17.18
CA LEU C 150 13.34 -22.26 16.81
C LEU C 150 14.24 -23.01 15.82
N ASP C 151 14.33 -24.33 15.97
CA ASP C 151 15.21 -25.12 15.09
C ASP C 151 14.71 -25.10 13.64
N VAL C 152 13.41 -25.33 13.47
CA VAL C 152 12.75 -25.25 12.17
C VAL C 152 12.94 -23.86 11.53
N LEU C 153 12.74 -22.81 12.34
CA LEU C 153 12.88 -21.47 11.83
C LEU C 153 14.31 -21.19 11.38
N LYS C 154 15.29 -21.60 12.18
CA LYS C 154 16.70 -21.36 11.85
C LYS C 154 17.03 -22.07 10.53
N GLU C 155 16.50 -23.27 10.36
CA GLU C 155 16.85 -24.09 9.20
C GLU C 155 16.22 -23.51 7.95
N THR C 156 15.00 -23.02 8.08
CA THR C 156 14.31 -22.35 7.00
C THR C 156 14.99 -21.02 6.64
N MET C 157 15.24 -20.16 7.62
CA MET C 157 15.99 -18.92 7.39
C MET C 157 17.31 -19.20 6.64
N LEU C 158 18.08 -20.17 7.11
CA LEU C 158 19.38 -20.49 6.49
C LEU C 158 19.29 -20.90 5.02
N HIS C 159 18.22 -21.63 4.66
CA HIS C 159 17.92 -21.91 3.23
C HIS C 159 17.59 -20.66 2.43
N MET C 160 17.01 -19.67 3.11
CA MET C 160 16.51 -18.47 2.45
C MET C 160 17.61 -17.47 2.15
N VAL C 161 18.68 -17.44 2.95
CA VAL C 161 19.73 -16.42 2.73
C VAL C 161 20.80 -16.88 1.73
N PRO C 162 21.51 -15.91 1.10
CA PRO C 162 22.67 -16.24 0.26
C PRO C 162 23.67 -17.13 0.97
N ALA C 163 24.21 -18.11 0.26
CA ALA C 163 25.06 -19.17 0.84
C ALA C 163 26.31 -18.63 1.55
N LYS C 164 26.87 -17.56 1.02
CA LYS C 164 28.10 -16.95 1.55
C LYS C 164 27.85 -16.33 2.92
N THR C 165 26.61 -15.95 3.18
CA THR C 165 26.24 -15.27 4.42
C THR C 165 25.69 -16.23 5.50
N ARG C 166 25.56 -17.52 5.18
CA ARG C 166 25.09 -18.50 6.16
C ARG C 166 25.76 -18.45 7.54
N ASP C 167 27.08 -18.39 7.58
CA ASP C 167 27.83 -18.30 8.85
C ASP C 167 27.44 -17.08 9.70
N ALA C 168 27.46 -15.90 9.08
CA ALA C 168 27.08 -14.66 9.80
C ALA C 168 25.65 -14.77 10.36
N ASN C 169 24.71 -15.24 9.52
CA ASN C 169 23.29 -15.27 9.91
C ASN C 169 22.97 -16.30 11.00
N ALA C 170 23.58 -17.48 10.90
CA ALA C 170 23.48 -18.47 11.95
C ALA C 170 23.95 -17.89 13.29
N LYS C 171 25.06 -17.15 13.27
CA LYS C 171 25.58 -16.53 14.50
C LYS C 171 24.62 -15.44 15.01
N ALA C 172 24.17 -14.55 14.11
CA ALA C 172 23.14 -13.56 14.44
C ALA C 172 21.89 -14.21 15.07
N PHE C 173 21.46 -15.34 14.52
CA PHE C 173 20.29 -16.06 15.05
C PHE C 173 20.56 -16.52 16.47
N ASP C 174 21.70 -17.23 16.65
CA ASP C 174 22.03 -17.81 17.95
C ASP C 174 22.20 -16.73 19.01
N LEU C 175 22.82 -15.61 18.63
CA LEU C 175 22.91 -14.45 19.53
C LEU C 175 21.53 -13.87 19.85
N GLY C 176 20.66 -13.84 18.85
CA GLY C 176 19.29 -13.36 19.09
C GLY C 176 18.66 -14.19 20.19
N VAL C 177 18.70 -15.51 20.01
CA VAL C 177 18.07 -16.40 20.99
C VAL C 177 18.70 -16.19 22.41
N LYS C 178 20.03 -16.06 22.47
CA LYS C 178 20.74 -15.96 23.76
C LYS C 178 20.36 -14.68 24.50
N TYR C 179 20.41 -13.55 23.80
CA TYR C 179 20.02 -12.29 24.42
C TYR C 179 18.54 -12.28 24.81
N ALA C 180 17.66 -12.90 24.01
CA ALA C 180 16.24 -12.98 24.39
C ALA C 180 16.06 -13.84 25.63
N THR C 181 16.80 -14.95 25.70
CA THR C 181 16.75 -15.87 26.85
C THR C 181 17.20 -15.21 28.16
N GLN C 182 18.32 -14.48 28.11
CA GLN C 182 18.89 -13.82 29.28
C GLN C 182 18.19 -12.52 29.69
N ALA C 183 17.41 -11.94 28.77
CA ALA C 183 16.79 -10.64 29.00
C ALA C 183 15.80 -10.65 30.16
N LYS C 184 15.89 -9.63 31.01
CA LYS C 184 14.90 -9.42 32.08
C LYS C 184 14.08 -8.15 31.85
N PRO C 185 12.79 -8.18 32.21
CA PRO C 185 11.90 -7.03 32.02
C PRO C 185 12.34 -5.83 32.88
N HIS C 186 12.26 -4.62 32.33
CA HIS C 186 12.64 -3.39 33.04
C HIS C 186 11.61 -3.12 34.13
N SER D 2 10.34 23.83 -16.69
CA SER D 2 8.95 23.31 -16.55
C SER D 2 8.59 22.26 -17.61
N LEU D 3 9.00 21.02 -17.37
CA LEU D 3 8.41 19.85 -18.03
C LEU D 3 7.95 18.88 -16.92
N LYS D 4 7.08 17.92 -17.27
CA LYS D 4 6.67 16.87 -16.31
C LYS D 4 7.70 15.73 -16.37
N TYR D 5 8.25 15.34 -15.24
CA TYR D 5 9.29 14.29 -15.26
C TYR D 5 8.74 13.03 -14.62
N GLN D 6 9.00 11.88 -15.25
CA GLN D 6 8.58 10.57 -14.70
C GLN D 6 9.78 9.63 -14.61
N LEU D 7 10.12 9.22 -13.40
CA LEU D 7 11.29 8.40 -13.17
C LEU D 7 10.90 7.10 -12.49
N ARG D 8 11.53 6.01 -12.88
CA ARG D 8 11.21 4.71 -12.29
C ARG D 8 12.45 4.13 -11.63
N PHE D 9 12.32 3.70 -10.38
CA PHE D 9 13.43 3.10 -9.66
C PHE D 9 13.05 1.69 -9.30
N GLY D 10 13.94 0.75 -9.60
CA GLY D 10 13.70 -0.65 -9.27
C GLY D 10 14.89 -1.27 -8.61
N GLY D 11 14.63 -2.02 -7.55
CA GLY D 11 15.67 -2.80 -6.85
C GLY D 11 15.11 -4.13 -6.37
N GLU D 12 15.77 -4.72 -5.39
CA GLU D 12 15.16 -5.83 -4.66
C GLU D 12 15.47 -5.66 -3.19
N GLY D 13 14.70 -6.35 -2.34
CA GLY D 13 14.97 -6.41 -0.90
C GLY D 13 15.51 -5.14 -0.29
N GLY D 14 16.80 -5.19 0.10
CA GLY D 14 17.45 -4.09 0.83
C GLY D 14 18.36 -3.18 0.01
N GLN D 15 18.21 -3.20 -1.32
CA GLN D 15 18.86 -2.21 -2.21
C GLN D 15 18.17 -0.86 -2.10
N GLY D 16 18.89 0.11 -1.52
CA GLY D 16 18.37 1.45 -1.28
C GLY D 16 18.10 2.22 -2.55
N VAL D 17 18.03 1.52 -3.67
CA VAL D 17 17.63 2.15 -4.91
C VAL D 17 16.32 2.93 -4.74
N ILE D 18 15.37 2.35 -4.00
CA ILE D 18 14.08 2.96 -3.74
C ILE D 18 14.21 4.29 -3.01
N THR D 19 15.14 4.34 -2.07
CA THR D 19 15.36 5.52 -1.24
C THR D 19 15.75 6.74 -2.10
N ALA D 20 16.46 6.50 -3.20
CA ALA D 20 16.83 7.56 -4.16
C ALA D 20 15.58 8.33 -4.59
N GLY D 21 14.54 7.58 -4.95
CA GLY D 21 13.28 8.16 -5.39
C GLY D 21 12.69 9.15 -4.39
N GLU D 22 12.69 8.76 -3.10
CA GLU D 22 12.13 9.56 -2.01
C GLU D 22 12.86 10.88 -1.80
N ILE D 23 14.19 10.81 -1.74
CA ILE D 23 15.00 12.02 -1.58
C ILE D 23 14.71 12.99 -2.73
N LEU D 24 14.66 12.44 -3.95
CA LEU D 24 14.47 13.21 -5.16
C LEU D 24 13.14 13.95 -5.11
N ALA D 25 12.08 13.22 -4.73
CA ALA D 25 10.73 13.80 -4.65
C ALA D 25 10.71 14.88 -3.58
N GLU D 26 11.29 14.58 -2.42
CA GLU D 26 11.31 15.57 -1.31
C GLU D 26 12.06 16.86 -1.74
N ALA D 27 13.18 16.68 -2.47
CA ALA D 27 13.96 17.81 -2.98
C ALA D 27 13.15 18.68 -3.91
N ALA D 28 12.33 18.09 -4.77
CA ALA D 28 11.53 18.84 -5.73
C ALA D 28 10.44 19.65 -5.02
N ILE D 29 9.85 19.04 -3.99
CA ILE D 29 8.79 19.65 -3.19
C ILE D 29 9.37 20.84 -2.42
N LYS D 30 10.56 20.63 -1.86
CA LYS D 30 11.30 21.67 -1.14
C LYS D 30 11.57 22.91 -2.00
N GLU D 31 11.78 22.70 -3.31
CA GLU D 31 11.91 23.77 -4.29
C GLU D 31 10.62 24.50 -4.62
N GLY D 32 9.49 23.97 -4.17
CA GLY D 32 8.17 24.49 -4.57
C GLY D 32 7.49 23.75 -5.70
N ARG D 33 8.05 22.63 -6.17
CA ARG D 33 7.38 21.91 -7.24
C ARG D 33 6.39 20.89 -6.67
N GLN D 34 5.62 20.25 -7.56
CA GLN D 34 4.69 19.18 -7.19
C GLN D 34 5.40 17.83 -7.39
N ALA D 35 5.19 16.88 -6.47
CA ALA D 35 5.78 15.55 -6.63
C ALA D 35 4.89 14.45 -6.03
N PHE D 36 4.78 13.32 -6.73
CA PHE D 36 4.15 12.16 -6.12
C PHE D 36 5.09 10.96 -6.13
N LYS D 37 4.91 10.10 -5.16
CA LYS D 37 5.62 8.84 -5.18
C LYS D 37 4.58 7.76 -5.36
N ALA D 38 4.77 6.91 -6.37
CA ALA D 38 3.86 5.79 -6.58
C ALA D 38 4.60 4.47 -6.27
N SER D 39 3.95 3.61 -5.48
CA SER D 39 4.56 2.40 -4.91
C SER D 39 3.72 1.20 -5.29
N THR D 40 4.23 0.00 -5.06
CA THR D 40 3.57 -1.24 -5.46
C THR D 40 3.78 -2.33 -4.42
N TYR D 41 2.85 -3.26 -4.37
CA TYR D 41 2.99 -4.40 -3.49
C TYR D 41 2.23 -5.57 -4.12
N THR D 42 2.45 -6.76 -3.58
CA THR D 42 1.88 -7.96 -4.19
C THR D 42 1.44 -8.90 -3.08
N SER D 43 0.69 -9.94 -3.45
CA SER D 43 0.01 -10.82 -2.51
C SER D 43 0.90 -11.94 -1.98
N GLN D 44 2.08 -11.58 -1.48
CA GLN D 44 2.92 -12.54 -0.76
C GLN D 44 3.55 -11.85 0.45
N VAL D 45 4.00 -12.64 1.42
CA VAL D 45 4.60 -12.07 2.62
C VAL D 45 6.05 -11.61 2.37
N ARG D 46 6.76 -12.29 1.49
CA ARG D 46 8.14 -11.95 1.24
C ARG D 46 8.28 -10.71 0.36
N GLY D 47 9.20 -9.82 0.74
CA GLY D 47 9.63 -8.73 -0.13
C GLY D 47 10.31 -9.38 -1.31
N GLY D 48 10.00 -8.91 -2.51
CA GLY D 48 10.68 -9.38 -3.71
C GLY D 48 11.21 -8.16 -4.43
N PRO D 49 11.09 -8.12 -5.76
CA PRO D 49 11.54 -6.95 -6.52
C PRO D 49 10.77 -5.73 -6.05
N THR D 50 11.43 -4.57 -6.06
CA THR D 50 10.82 -3.35 -5.60
C THR D 50 10.75 -2.36 -6.78
N LYS D 51 9.76 -1.47 -6.77
CA LYS D 51 9.66 -0.43 -7.79
C LYS D 51 9.01 0.79 -7.17
N VAL D 52 9.61 1.95 -7.38
CA VAL D 52 8.98 3.21 -7.02
C VAL D 52 9.00 4.13 -8.23
N ASP D 53 7.86 4.73 -8.54
CA ASP D 53 7.79 5.74 -9.58
C ASP D 53 7.69 7.15 -8.97
N ILE D 54 8.46 8.08 -9.51
CA ILE D 54 8.45 9.44 -9.01
C ILE D 54 7.97 10.33 -10.15
N ILE D 55 7.02 11.22 -9.85
CA ILE D 55 6.47 12.09 -10.85
C ILE D 55 6.64 13.55 -10.35
N ILE D 56 7.29 14.42 -11.14
CA ILE D 56 7.59 15.80 -10.71
C ILE D 56 7.08 16.76 -11.79
N ASP D 57 6.35 17.81 -11.38
CA ASP D 57 5.94 18.87 -12.31
C ASP D 57 5.93 20.23 -11.61
N ASP D 58 5.83 21.30 -12.40
CA ASP D 58 5.81 22.67 -11.86
C ASP D 58 4.37 23.20 -11.93
N LYS D 59 3.45 22.26 -11.95
CA LYS D 59 2.01 22.52 -12.02
C LYS D 59 1.28 21.28 -11.53
N GLU D 60 -0.04 21.38 -11.36
CA GLU D 60 -0.83 20.26 -10.87
C GLU D 60 -0.59 18.98 -11.68
N ILE D 61 -0.30 17.89 -10.98
CA ILE D 61 -0.17 16.59 -11.61
C ILE D 61 -1.54 15.94 -11.53
N LEU D 62 -2.12 15.60 -12.66
CA LEU D 62 -3.52 15.18 -12.68
C LEU D 62 -3.69 13.69 -12.43
N PHE D 63 -2.60 12.94 -12.49
CA PHE D 63 -2.65 11.50 -12.30
C PHE D 63 -1.43 11.13 -11.48
N PRO D 64 -1.63 10.62 -10.25
CA PRO D 64 -0.48 10.49 -9.37
C PRO D 64 0.35 9.20 -9.59
N TYR D 65 0.25 8.59 -10.78
CA TYR D 65 1.04 7.42 -11.12
C TYR D 65 1.88 7.72 -12.37
N ALA D 66 2.92 6.95 -12.60
CA ALA D 66 3.61 6.96 -13.90
C ALA D 66 2.64 6.56 -15.00
N VAL D 67 2.83 7.17 -16.18
CA VAL D 67 2.02 6.84 -17.33
C VAL D 67 2.85 5.84 -18.11
N GLU D 68 2.35 4.61 -18.19
CA GLU D 68 3.05 3.55 -18.88
C GLU D 68 3.23 3.92 -20.34
N GLY D 69 4.49 3.87 -20.80
CA GLY D 69 4.89 4.28 -22.15
C GLY D 69 5.43 5.71 -22.20
N GLU D 70 5.33 6.43 -21.08
CA GLU D 70 5.83 7.82 -20.98
C GLU D 70 6.93 8.01 -19.97
N VAL D 71 7.41 6.92 -19.36
CA VAL D 71 8.43 7.05 -18.33
C VAL D 71 9.71 7.51 -19.02
N ASP D 72 10.31 8.58 -18.51
CA ASP D 72 11.51 9.18 -19.13
C ASP D 72 12.79 8.42 -18.82
N PHE D 73 12.85 7.89 -17.60
CA PHE D 73 14.09 7.36 -17.08
C PHE D 73 13.81 6.19 -16.11
N MET D 74 14.62 5.14 -16.18
CA MET D 74 14.58 4.05 -15.19
C MET D 74 15.99 3.75 -14.74
N LEU D 75 16.14 3.49 -13.45
CA LEU D 75 17.37 2.94 -12.91
C LEU D 75 17.01 1.62 -12.28
N SER D 76 17.74 0.57 -12.63
CA SER D 76 17.37 -0.77 -12.20
C SER D 76 18.56 -1.58 -11.67
N THR D 77 18.42 -2.17 -10.48
CA THR D 77 19.52 -2.96 -9.91
C THR D 77 19.16 -4.45 -9.71
N ALA D 78 17.99 -4.84 -10.21
CA ALA D 78 17.54 -6.24 -10.16
C ALA D 78 16.94 -6.72 -11.48
N ASP D 79 17.47 -7.83 -11.99
CA ASP D 79 17.08 -8.35 -13.31
C ASP D 79 15.55 -8.55 -13.50
N LYS D 80 14.90 -9.18 -12.53
CA LYS D 80 13.46 -9.43 -12.65
C LYS D 80 12.62 -8.13 -12.76
N GLY D 81 12.91 -7.16 -11.89
CA GLY D 81 12.29 -5.83 -11.94
C GLY D 81 12.57 -5.11 -13.24
N TYR D 82 13.79 -5.25 -13.73
CA TYR D 82 14.13 -4.66 -15.04
C TYR D 82 13.19 -5.20 -16.12
N LYS D 83 13.17 -6.53 -16.23
CA LYS D 83 12.42 -7.21 -17.31
C LYS D 83 10.94 -6.97 -17.12
N GLY D 84 10.52 -6.87 -15.85
CA GLY D 84 9.09 -6.68 -15.57
C GLY D 84 8.58 -5.26 -15.83
N PHE D 85 9.42 -4.26 -15.59
CA PHE D 85 8.92 -2.88 -15.59
C PHE D 85 9.47 -1.97 -16.68
N ARG D 86 10.52 -2.39 -17.40
CA ARG D 86 11.13 -1.49 -18.41
C ARG D 86 10.18 -1.20 -19.58
N GLY D 87 9.19 -2.08 -19.81
CA GLY D 87 8.21 -1.90 -20.88
C GLY D 87 7.46 -0.60 -20.82
N GLY D 88 7.45 0.08 -19.66
CA GLY D 88 6.76 1.34 -19.53
C GLY D 88 7.63 2.57 -19.86
N VAL D 89 8.93 2.35 -20.03
CA VAL D 89 9.85 3.44 -20.42
C VAL D 89 9.55 3.84 -21.87
N LYS D 90 9.39 5.14 -22.12
CA LYS D 90 9.17 5.64 -23.48
C LYS D 90 10.26 5.16 -24.45
N GLU D 91 9.90 5.00 -25.72
CA GLU D 91 10.91 4.65 -26.73
C GLU D 91 12.02 5.71 -26.82
N GLY D 92 13.28 5.30 -26.87
CA GLY D 92 14.39 6.27 -26.84
C GLY D 92 14.71 6.80 -25.45
N GLY D 93 13.91 6.39 -24.46
CA GLY D 93 14.15 6.81 -23.08
C GLY D 93 15.43 6.21 -22.50
N ILE D 94 15.90 6.80 -21.41
CA ILE D 94 17.14 6.39 -20.78
C ILE D 94 16.93 5.34 -19.66
N ILE D 95 17.70 4.26 -19.71
CA ILE D 95 17.74 3.27 -18.63
C ILE D 95 19.16 2.98 -18.17
N VAL D 96 19.37 3.09 -16.86
CA VAL D 96 20.63 2.73 -16.29
C VAL D 96 20.47 1.40 -15.56
N VAL D 97 21.33 0.44 -15.88
CA VAL D 97 21.27 -0.86 -15.23
C VAL D 97 22.60 -1.14 -14.53
N GLU D 98 22.52 -1.93 -13.47
CA GLU D 98 23.69 -2.42 -12.78
C GLU D 98 24.09 -3.73 -13.53
N PRO D 99 25.17 -3.67 -14.34
CA PRO D 99 25.58 -4.74 -15.28
C PRO D 99 25.95 -6.06 -14.60
N ASN D 100 26.29 -6.02 -13.32
CA ASN D 100 26.55 -7.24 -12.55
C ASN D 100 25.27 -8.00 -12.15
N LEU D 101 24.11 -7.38 -12.36
CA LEU D 101 22.86 -7.94 -11.86
C LEU D 101 21.72 -7.97 -12.89
N VAL D 102 21.80 -7.08 -13.89
CA VAL D 102 20.73 -6.95 -14.86
C VAL D 102 21.27 -7.34 -16.24
N HIS D 103 20.48 -8.13 -16.97
CA HIS D 103 20.92 -8.70 -18.22
C HIS D 103 19.86 -8.57 -19.31
N PRO D 104 19.77 -7.37 -19.91
CA PRO D 104 18.72 -7.12 -20.89
C PRO D 104 18.87 -8.03 -22.09
N GLU D 105 17.74 -8.39 -22.70
CA GLU D 105 17.76 -9.06 -24.00
C GLU D 105 18.36 -8.09 -25.03
N SER D 106 18.95 -8.62 -26.09
CA SER D 106 19.70 -7.78 -27.02
C SER D 106 18.83 -6.76 -27.72
N GLU D 107 17.56 -7.09 -27.92
CA GLU D 107 16.60 -6.20 -28.58
C GLU D 107 16.32 -4.88 -27.82
N ASP D 108 16.41 -4.95 -26.49
CA ASP D 108 16.23 -3.78 -25.63
C ASP D 108 17.18 -2.64 -25.99
N TYR D 109 18.41 -2.97 -26.42
CA TYR D 109 19.42 -1.94 -26.72
C TYR D 109 19.05 -1.09 -27.94
N LYS D 110 18.14 -1.59 -28.75
CA LYS D 110 17.68 -0.82 -29.89
C LYS D 110 16.52 0.11 -29.54
N LYS D 111 15.76 -0.28 -28.52
CA LYS D 111 14.51 0.41 -28.15
C LYS D 111 14.78 1.59 -27.21
N TRP D 112 15.70 1.39 -26.27
CA TRP D 112 16.02 2.40 -25.24
C TRP D 112 17.52 2.67 -25.25
N GLN D 113 17.93 3.80 -24.68
CA GLN D 113 19.35 4.05 -24.45
C GLN D 113 19.75 3.46 -23.12
N ILE D 114 20.50 2.37 -23.15
CA ILE D 114 20.85 1.64 -21.93
C ILE D 114 22.32 1.86 -21.54
N PHE D 115 22.52 2.35 -20.32
CA PHE D 115 23.85 2.64 -19.80
C PHE D 115 24.11 1.67 -18.67
N GLU D 116 25.32 1.14 -18.56
CA GLU D 116 25.70 0.20 -17.49
C GLU D 116 26.57 0.90 -16.46
N ILE D 117 26.11 0.95 -15.22
CA ILE D 117 26.86 1.61 -14.17
C ILE D 117 26.82 0.74 -12.92
N PRO D 118 28.01 0.25 -12.49
CA PRO D 118 28.10 -0.67 -11.38
C PRO D 118 27.84 0.00 -10.01
N ILE D 119 26.61 0.46 -9.81
CA ILE D 119 26.20 1.19 -8.60
C ILE D 119 26.59 0.54 -7.26
N ILE D 120 26.28 -0.74 -7.10
CA ILE D 120 26.53 -1.41 -5.81
C ILE D 120 28.03 -1.41 -5.48
N THR D 121 28.87 -1.69 -6.47
CA THR D 121 30.34 -1.75 -6.27
C THR D 121 30.98 -0.37 -6.04
N ILE D 122 30.48 0.64 -6.74
CA ILE D 122 30.89 2.03 -6.50
C ILE D 122 30.71 2.42 -5.03
N ALA D 123 29.49 2.21 -4.51
CA ALA D 123 29.18 2.46 -3.12
C ALA D 123 30.04 1.61 -2.18
N LYS D 124 30.13 0.31 -2.47
CA LYS D 124 30.82 -0.65 -1.61
C LYS D 124 32.34 -0.38 -1.52
N ASP D 125 32.98 -0.23 -2.68
CA ASP D 125 34.44 -0.18 -2.79
C ASP D 125 35.03 1.22 -2.87
N GLU D 126 34.39 2.12 -3.62
CA GLU D 126 34.91 3.47 -3.78
C GLU D 126 34.46 4.42 -2.69
N VAL D 127 33.21 4.29 -2.24
CA VAL D 127 32.76 5.10 -1.12
C VAL D 127 33.07 4.37 0.19
N GLY D 128 33.17 3.04 0.13
CA GLY D 128 33.46 2.25 1.33
C GLY D 128 32.25 2.11 2.24
N ASN D 129 31.04 2.16 1.66
CA ASN D 129 29.80 2.05 2.45
C ASN D 129 28.62 1.73 1.52
N VAL D 130 28.25 0.45 1.48
CA VAL D 130 27.23 -0.07 0.57
C VAL D 130 25.88 0.68 0.66
N ALA D 131 25.53 1.16 1.85
CA ALA D 131 24.26 1.87 2.05
C ALA D 131 24.20 3.20 1.29
N THR D 132 25.33 3.71 0.79
CA THR D 132 25.33 4.95 0.00
C THR D 132 24.89 4.75 -1.45
N GLN D 133 24.62 3.50 -1.83
CA GLN D 133 24.15 3.20 -3.18
C GLN D 133 22.88 4.00 -3.55
N SER D 134 22.04 4.30 -2.57
CA SER D 134 20.86 5.09 -2.87
C SER D 134 21.25 6.51 -3.33
N VAL D 135 22.35 7.04 -2.80
CA VAL D 135 22.81 8.39 -3.15
C VAL D 135 23.56 8.39 -4.48
N VAL D 136 24.35 7.33 -4.72
CA VAL D 136 24.94 7.15 -6.04
C VAL D 136 23.79 7.15 -7.10
N ALA D 137 22.72 6.41 -6.78
CA ALA D 137 21.61 6.19 -7.72
C ALA D 137 20.88 7.49 -7.93
N LEU D 138 20.73 8.24 -6.84
CA LEU D 138 20.04 9.51 -6.88
C LEU D 138 20.73 10.48 -7.84
N ALA D 139 22.06 10.63 -7.72
CA ALA D 139 22.80 11.55 -8.59
C ALA D 139 22.69 11.12 -10.06
N ILE D 140 22.92 9.84 -10.33
CA ILE D 140 22.74 9.33 -11.70
C ILE D 140 21.35 9.70 -12.27
N ALA D 141 20.29 9.47 -11.48
CA ALA D 141 18.94 9.71 -12.03
C ALA D 141 18.71 11.19 -12.31
N ALA D 142 19.14 12.03 -11.38
CA ALA D 142 18.90 13.46 -11.50
C ALA D 142 19.66 14.00 -12.73
N TYR D 143 20.92 13.59 -12.86
CA TYR D 143 21.75 13.96 -14.01
C TYR D 143 21.15 13.48 -15.35
N MET D 144 20.93 12.17 -15.48
CA MET D 144 20.36 11.61 -16.72
C MET D 144 19.01 12.23 -17.13
N SER D 145 18.11 12.45 -16.16
CA SER D 145 16.78 12.96 -16.49
C SER D 145 16.71 14.48 -16.61
N LYS D 146 17.72 15.15 -16.07
CA LYS D 146 17.75 16.60 -15.95
C LYS D 146 16.54 17.16 -15.20
N CYS D 147 16.02 16.41 -14.23
CA CYS D 147 14.74 16.75 -13.61
C CYS D 147 14.86 17.78 -12.47
N ILE D 148 16.10 18.04 -12.05
CA ILE D 148 16.39 18.98 -10.98
C ILE D 148 17.85 19.42 -11.13
N ASP D 149 18.15 20.65 -10.73
CA ASP D 149 19.53 21.15 -10.70
C ASP D 149 20.36 20.36 -9.66
N LEU D 150 21.55 19.92 -10.05
CA LEU D 150 22.36 19.08 -9.16
C LEU D 150 22.89 19.75 -7.90
N ASP D 151 23.22 21.03 -7.96
CA ASP D 151 23.76 21.75 -6.80
C ASP D 151 22.69 21.86 -5.70
N VAL D 152 21.48 22.17 -6.13
CA VAL D 152 20.33 22.26 -5.24
C VAL D 152 20.00 20.89 -4.65
N LEU D 153 19.95 19.84 -5.48
CA LEU D 153 19.62 18.49 -4.97
C LEU D 153 20.64 18.01 -3.93
N LYS D 154 21.92 18.27 -4.20
CA LYS D 154 23.00 17.80 -3.33
C LYS D 154 22.89 18.40 -1.93
N GLU D 155 22.65 19.71 -1.89
CA GLU D 155 22.51 20.44 -0.65
C GLU D 155 21.30 19.93 0.14
N THR D 156 20.16 19.82 -0.55
CA THR D 156 18.96 19.24 0.05
C THR D 156 19.25 17.84 0.61
N MET D 157 19.83 16.97 -0.20
CA MET D 157 20.19 15.63 0.29
C MET D 157 21.07 15.67 1.56
N LEU D 158 22.11 16.50 1.55
CA LEU D 158 23.04 16.56 2.70
C LEU D 158 22.39 17.03 4.01
N HIS D 159 21.40 17.92 3.90
CA HIS D 159 20.63 18.33 5.07
C HIS D 159 19.65 17.24 5.49
N MET D 160 19.34 16.34 4.56
CA MET D 160 18.43 15.22 4.86
C MET D 160 19.10 14.06 5.58
N VAL D 161 20.43 13.92 5.47
CA VAL D 161 21.12 12.77 6.06
C VAL D 161 21.82 13.09 7.39
N PRO D 162 22.21 12.04 8.16
CA PRO D 162 22.88 12.24 9.45
C PRO D 162 24.18 13.04 9.30
N ALA D 163 24.41 13.96 10.22
CA ALA D 163 25.56 14.88 10.16
C ALA D 163 26.92 14.21 9.94
N LYS D 164 27.11 13.01 10.50
CA LYS D 164 28.40 12.30 10.38
C LYS D 164 28.48 11.33 9.17
N THR D 165 27.52 11.40 8.25
CA THR D 165 27.60 10.63 7.01
C THR D 165 27.68 11.53 5.78
N ARG D 166 27.73 12.84 6.00
CA ARG D 166 27.75 13.84 4.91
C ARG D 166 28.98 13.72 4.02
N ASP D 167 30.14 13.45 4.62
CA ASP D 167 31.36 13.28 3.86
C ASP D 167 31.22 12.12 2.88
N ALA D 168 30.79 10.95 3.37
CA ALA D 168 30.63 9.78 2.51
C ALA D 168 29.50 10.00 1.48
N ASN D 169 28.37 10.56 1.94
CA ASN D 169 27.23 10.82 1.04
C ASN D 169 27.54 11.85 -0.05
N ALA D 170 28.28 12.90 0.29
CA ALA D 170 28.76 13.86 -0.74
C ALA D 170 29.57 13.15 -1.80
N LYS D 171 30.49 12.30 -1.36
CA LYS D 171 31.37 11.58 -2.28
C LYS D 171 30.55 10.62 -3.15
N ALA D 172 29.65 9.86 -2.51
CA ALA D 172 28.72 9.01 -3.27
C ALA D 172 27.99 9.80 -4.34
N PHE D 173 27.43 10.95 -3.94
CA PHE D 173 26.73 11.81 -4.91
C PHE D 173 27.64 12.16 -6.10
N ASP D 174 28.86 12.63 -5.77
CA ASP D 174 29.84 13.06 -6.77
C ASP D 174 30.26 11.93 -7.72
N LEU D 175 30.42 10.74 -7.19
CA LEU D 175 30.73 9.59 -8.02
C LEU D 175 29.55 9.23 -8.93
N GLY D 176 28.32 9.27 -8.39
CA GLY D 176 27.14 9.10 -9.24
C GLY D 176 27.19 10.02 -10.45
N VAL D 177 27.43 11.32 -10.20
CA VAL D 177 27.51 12.29 -11.29
C VAL D 177 28.65 11.94 -12.25
N LYS D 178 29.85 11.71 -11.71
CA LYS D 178 31.00 11.37 -12.54
C LYS D 178 30.72 10.19 -13.48
N TYR D 179 30.27 9.07 -12.91
CA TYR D 179 29.91 7.90 -13.72
C TYR D 179 28.80 8.16 -14.71
N ALA D 180 27.80 8.96 -14.34
CA ALA D 180 26.71 9.30 -15.28
C ALA D 180 27.23 10.11 -16.46
N THR D 181 28.17 10.99 -16.15
CA THR D 181 28.74 11.91 -17.13
C THR D 181 29.57 11.15 -18.15
N GLN D 182 30.31 10.14 -17.70
CA GLN D 182 31.20 9.38 -18.58
C GLN D 182 30.50 8.29 -19.38
N ALA D 183 29.39 7.78 -18.85
CA ALA D 183 28.70 6.60 -19.43
C ALA D 183 28.28 6.78 -20.88
N LYS D 184 28.42 5.71 -21.66
CA LYS D 184 27.97 5.66 -23.05
C LYS D 184 26.92 4.56 -23.20
N PRO D 185 25.91 4.77 -24.07
CA PRO D 185 24.89 3.74 -24.25
C PRO D 185 25.50 2.49 -24.91
N HIS D 186 25.07 1.30 -24.46
CA HIS D 186 25.56 0.04 -25.03
C HIS D 186 25.04 -0.11 -26.46
#